data_3ZUG
#
_entry.id   3ZUG
#
_cell.length_a   133.545
_cell.length_b   133.545
_cell.length_c   133.545
_cell.angle_alpha   90.00
_cell.angle_beta   90.00
_cell.angle_gamma   90.00
#
_symmetry.space_group_name_H-M   'P 21 3'
#
loop_
_entity.id
_entity.type
_entity.pdbx_description
1 polymer 'RIBOFLAVIN BIOSYNTHESIS PROTEIN RIBF'
2 non-polymer 'SULFATE ION'
3 water water
#
_entity_poly.entity_id   1
_entity_poly.type   'polypeptide(L)'
_entity_poly.pdbx_seq_one_letter_code
;MDIWYGTAAVPKDLDNSAVTIGVFDGVHRGHQKLINATVEKAREVGAKAIMVTFDPHPVSVFLPRRAPLGITTLAERFAL
AESFGIDGVLVIDFTRELSGTSPEKYVEFLLEDTLHASHVVVGANFTFGENAAGTADSLRQICQSRLTVDVIDLLDDEGV
RISSTTVREFLSEGDVARANWALGRHFYVTGPVVRGAGRGGKELGFPTANQYFHDTVALPADGVYAGWLTILPTEAPVSG
NMEPEVAYAAAISVGTNPTFGDEQRSVDSFVLDRDADLYGHDVKVEFVDHVRAMEKFDSVEQLLEVMAKDVQKTRTLLAQ
DVQAHKMAPETYFLQAES
;
_entity_poly.pdbx_strand_id   A,B
#
loop_
_chem_comp.id
_chem_comp.type
_chem_comp.name
_chem_comp.formula
SO4 non-polymer 'SULFATE ION' 'O4 S -2'
#
# COMPACT_ATOMS: atom_id res chain seq x y z
N MET A 1 10.09 1.11 17.62
CA MET A 1 10.65 -0.26 17.81
C MET A 1 11.74 -0.51 16.77
N ASP A 2 12.89 -1.05 17.18
CA ASP A 2 13.96 -1.38 16.25
C ASP A 2 13.65 -2.69 15.54
N ILE A 3 14.10 -2.80 14.28
CA ILE A 3 14.02 -4.03 13.50
C ILE A 3 15.39 -4.29 12.92
N TRP A 4 16.01 -5.39 13.31
CA TRP A 4 17.34 -5.76 12.83
C TRP A 4 17.27 -7.03 11.99
N TYR A 5 17.90 -7.02 10.82
CA TYR A 5 17.98 -8.23 9.98
C TYR A 5 19.35 -8.88 10.10
N GLY A 6 19.41 -9.95 10.89
CA GLY A 6 20.66 -10.69 11.11
C GLY A 6 21.45 -10.15 12.28
N THR A 7 22.24 -11.03 12.89
CA THR A 7 22.96 -10.70 14.13
C THR A 7 23.88 -9.50 13.96
N ALA A 8 24.53 -9.41 12.80
CA ALA A 8 25.45 -8.31 12.47
C ALA A 8 24.84 -6.89 12.51
N ALA A 9 23.51 -6.78 12.38
CA ALA A 9 22.84 -5.49 12.42
C ALA A 9 22.48 -5.03 13.83
N VAL A 10 22.61 -5.92 14.82
CA VAL A 10 22.33 -5.54 16.22
C VAL A 10 23.45 -4.58 16.71
N PRO A 11 23.06 -3.46 17.37
CA PRO A 11 24.05 -2.50 17.93
C PRO A 11 25.04 -3.18 18.87
N LYS A 12 26.33 -2.92 18.66
CA LYS A 12 27.38 -3.54 19.48
C LYS A 12 27.33 -3.11 20.94
N ASP A 13 26.80 -1.91 21.20
CA ASP A 13 26.72 -1.37 22.56
C ASP A 13 25.40 -1.71 23.28
N LEU A 14 24.63 -2.65 22.72
CA LEU A 14 23.45 -3.17 23.40
C LEU A 14 23.87 -3.63 24.78
N ASP A 15 23.23 -3.08 25.80
CA ASP A 15 23.70 -3.18 27.18
C ASP A 15 23.16 -4.45 27.83
N ASN A 16 21.86 -4.67 27.64
CA ASN A 16 21.16 -5.71 28.38
C ASN A 16 19.80 -6.00 27.71
N SER A 17 19.35 -7.25 27.77
CA SER A 17 18.03 -7.57 27.23
C SER A 17 17.33 -8.75 27.91
N ALA A 18 16.01 -8.75 27.82
CA ALA A 18 15.20 -9.93 28.07
C ALA A 18 14.64 -10.38 26.71
N VAL A 19 14.87 -11.66 26.39
CA VAL A 19 14.68 -12.14 25.03
C VAL A 19 13.62 -13.23 24.97
N THR A 20 12.78 -13.19 23.94
CA THR A 20 11.92 -14.33 23.62
C THR A 20 12.16 -14.73 22.18
N ILE A 21 12.08 -16.02 21.91
CA ILE A 21 12.51 -16.57 20.62
C ILE A 21 11.43 -17.45 20.05
N GLY A 22 11.05 -17.21 18.80
CA GLY A 22 10.10 -18.09 18.12
C GLY A 22 9.71 -17.59 16.75
N VAL A 23 9.04 -18.45 15.97
CA VAL A 23 8.46 -18.02 14.68
C VAL A 23 7.39 -16.94 14.90
N PHE A 24 6.57 -17.09 15.93
CA PHE A 24 5.57 -16.11 16.31
C PHE A 24 4.53 -15.79 15.20
N ASP A 25 4.28 -16.76 14.32
CA ASP A 25 3.31 -16.54 13.24
C ASP A 25 1.91 -16.45 13.81
N GLY A 26 1.31 -15.27 13.68
CA GLY A 26 -0.04 -15.00 14.13
C GLY A 26 -0.09 -14.19 15.40
N VAL A 27 1.02 -14.21 16.18
CA VAL A 27 1.09 -13.64 17.52
C VAL A 27 -0.23 -13.94 18.26
N HIS A 28 -0.52 -15.23 18.38
CA HIS A 28 -1.74 -15.70 19.03
C HIS A 28 -1.64 -15.60 20.55
N ARG A 29 -2.67 -16.04 21.27
CA ARG A 29 -2.72 -15.84 22.74
C ARG A 29 -1.59 -16.51 23.51
N GLY A 30 -1.12 -17.68 23.06
CA GLY A 30 0.07 -18.28 23.63
C GLY A 30 1.32 -17.45 23.42
N HIS A 31 1.49 -16.93 22.20
CA HIS A 31 2.61 -16.05 21.92
C HIS A 31 2.58 -14.84 22.84
N GLN A 32 1.40 -14.30 23.09
CA GLN A 32 1.25 -13.13 23.94
C GLN A 32 1.72 -13.40 25.39
N LYS A 33 1.54 -14.63 25.87
CA LYS A 33 2.06 -15.02 27.21
C LYS A 33 3.58 -14.92 27.26
N LEU A 34 4.25 -15.36 26.19
CA LEU A 34 5.72 -15.26 26.10
C LEU A 34 6.17 -13.82 26.03
N ILE A 35 5.49 -13.03 25.20
CA ILE A 35 5.83 -11.62 25.04
C ILE A 35 5.58 -10.85 26.33
N ASN A 36 4.41 -11.05 26.95
CA ASN A 36 4.08 -10.34 28.17
C ASN A 36 5.10 -10.63 29.29
N ALA A 37 5.52 -11.89 29.42
CA ALA A 37 6.52 -12.29 30.41
C ALA A 37 7.87 -11.62 30.14
N THR A 38 8.22 -11.48 28.86
CA THR A 38 9.48 -10.85 28.45
C THR A 38 9.48 -9.34 28.73
N VAL A 39 8.40 -8.68 28.34
CA VAL A 39 8.24 -7.24 28.60
C VAL A 39 8.29 -6.93 30.10
N GLU A 40 7.60 -7.75 30.90
CA GLU A 40 7.56 -7.57 32.36
C GLU A 40 8.95 -7.65 32.99
N LYS A 41 9.70 -8.68 32.61
CA LYS A 41 11.05 -8.87 33.14
C LYS A 41 12.01 -7.76 32.69
N ALA A 42 11.87 -7.32 31.45
CA ALA A 42 12.69 -6.24 30.92
C ALA A 42 12.45 -4.95 31.73
N ARG A 43 11.18 -4.65 32.00
CA ARG A 43 10.82 -3.49 32.80
C ARG A 43 11.47 -3.58 34.19
N GLU A 44 11.29 -4.73 34.85
CA GLU A 44 11.81 -4.96 36.20
C GLU A 44 13.30 -4.63 36.32
N VAL A 45 14.10 -5.08 35.35
CA VAL A 45 15.55 -4.93 35.39
C VAL A 45 16.08 -3.76 34.56
N GLY A 46 15.19 -2.96 33.98
CA GLY A 46 15.59 -1.83 33.14
C GLY A 46 16.28 -2.23 31.84
N ALA A 47 15.81 -3.30 31.21
CA ALA A 47 16.40 -3.83 29.98
C ALA A 47 15.46 -3.63 28.79
N LYS A 48 15.97 -3.89 27.59
CA LYS A 48 15.15 -3.88 26.36
C LYS A 48 14.49 -5.25 26.22
N ALA A 49 13.22 -5.26 25.81
CA ALA A 49 12.51 -6.50 25.52
C ALA A 49 12.69 -6.84 24.04
N ILE A 50 13.35 -7.96 23.76
CA ILE A 50 13.71 -8.31 22.38
C ILE A 50 13.03 -9.60 21.96
N MET A 51 12.43 -9.58 20.76
CA MET A 51 11.92 -10.78 20.09
C MET A 51 12.91 -11.21 19.03
N VAL A 52 13.30 -12.48 19.09
CA VAL A 52 14.05 -13.09 17.99
C VAL A 52 13.07 -13.91 17.20
N THR A 53 12.94 -13.60 15.92
CA THR A 53 12.02 -14.36 15.07
C THR A 53 12.71 -14.76 13.78
N PHE A 54 11.99 -15.48 12.93
CA PHE A 54 12.58 -16.11 11.77
C PHE A 54 11.84 -15.82 10.46
N ASP A 55 12.62 -15.41 9.46
CA ASP A 55 12.13 -15.23 8.10
C ASP A 55 13.30 -15.54 7.16
N PRO A 56 13.10 -16.43 6.17
CA PRO A 56 11.88 -17.18 5.86
C PRO A 56 11.49 -18.17 6.97
N HIS A 57 10.30 -18.73 6.87
CA HIS A 57 9.88 -19.76 7.79
C HIS A 57 10.94 -20.88 7.80
N PRO A 58 11.37 -21.32 8.98
CA PRO A 58 12.40 -22.36 9.08
C PRO A 58 12.11 -23.63 8.27
N VAL A 59 10.83 -23.99 8.15
CA VAL A 59 10.43 -25.14 7.33
C VAL A 59 10.75 -24.90 5.85
N SER A 60 10.59 -23.67 5.38
CA SER A 60 10.81 -23.35 3.96
C SER A 60 12.29 -23.49 3.55
N VAL A 61 13.20 -23.42 4.53
CA VAL A 61 14.63 -23.63 4.27
C VAL A 61 14.90 -25.08 3.84
N PHE A 62 14.17 -26.02 4.44
CA PHE A 62 14.31 -27.45 4.13
C PHE A 62 13.39 -27.89 3.00
N LEU A 63 12.17 -27.36 3.00
CA LEU A 63 11.14 -27.70 2.02
C LEU A 63 10.60 -26.42 1.38
N PRO A 64 11.36 -25.85 0.42
CA PRO A 64 10.92 -24.63 -0.25
C PRO A 64 9.54 -24.82 -0.86
N ARG A 65 8.71 -23.79 -0.78
CA ARG A 65 7.32 -23.85 -1.25
C ARG A 65 6.41 -24.93 -0.60
N ARG A 66 6.82 -25.47 0.55
CA ARG A 66 5.96 -26.34 1.35
CA ARG A 66 5.94 -26.33 1.35
C ARG A 66 5.93 -25.89 2.81
N ALA A 67 6.29 -24.63 3.06
CA ALA A 67 6.20 -24.08 4.40
C ALA A 67 4.73 -23.84 4.73
N PRO A 68 4.40 -23.68 6.02
CA PRO A 68 3.04 -23.37 6.42
C PRO A 68 2.59 -22.02 5.87
N LEU A 69 1.29 -21.85 5.62
CA LEU A 69 0.77 -20.56 5.17
C LEU A 69 0.98 -19.53 6.27
N GLY A 70 1.39 -18.32 5.88
CA GLY A 70 1.51 -17.22 6.84
C GLY A 70 0.19 -16.69 7.39
N ILE A 71 -0.02 -16.85 8.69
CA ILE A 71 -1.18 -16.30 9.36
C ILE A 71 -1.16 -14.78 9.27
N THR A 72 0.03 -14.20 9.44
CA THR A 72 0.24 -12.79 9.17
C THR A 72 1.51 -12.61 8.33
N THR A 73 1.60 -11.46 7.65
CA THR A 73 2.81 -11.10 6.93
C THR A 73 3.90 -10.77 7.96
N LEU A 74 5.15 -10.77 7.54
CA LEU A 74 6.22 -10.38 8.46
C LEU A 74 5.98 -8.98 9.01
N ALA A 75 5.55 -8.07 8.13
CA ALA A 75 5.29 -6.69 8.51
C ALA A 75 4.28 -6.58 9.66
N GLU A 76 3.21 -7.37 9.58
CA GLU A 76 2.19 -7.35 10.63
C GLU A 76 2.67 -8.05 11.90
N ARG A 77 3.55 -9.02 11.75
CA ARG A 77 4.21 -9.60 12.92
C ARG A 77 4.97 -8.50 13.69
N PHE A 78 5.66 -7.63 12.95
CA PHE A 78 6.37 -6.50 13.58
C PHE A 78 5.39 -5.59 14.31
N ALA A 79 4.27 -5.28 13.64
CA ALA A 79 3.27 -4.36 14.18
C ALA A 79 2.65 -4.94 15.44
N LEU A 80 2.32 -6.23 15.40
CA LEU A 80 1.79 -6.91 16.58
C LEU A 80 2.83 -6.94 17.72
N ALA A 81 4.07 -7.28 17.43
CA ALA A 81 5.12 -7.29 18.47
C ALA A 81 5.23 -5.92 19.17
N GLU A 82 5.25 -4.86 18.36
CA GLU A 82 5.30 -3.53 18.91
C GLU A 82 4.10 -3.25 19.82
N SER A 83 2.90 -3.64 19.41
CA SER A 83 1.69 -3.36 20.18
C SER A 83 1.67 -4.05 21.55
N PHE A 84 2.40 -5.15 21.70
CA PHE A 84 2.48 -5.84 22.99
C PHE A 84 3.73 -5.44 23.80
N GLY A 85 4.46 -4.42 23.32
CA GLY A 85 5.56 -3.82 24.09
C GLY A 85 6.99 -4.23 23.79
N ILE A 86 7.20 -4.96 22.69
CA ILE A 86 8.55 -5.32 22.28
C ILE A 86 9.33 -4.09 21.82
N ASP A 87 10.58 -3.98 22.26
CA ASP A 87 11.42 -2.81 21.94
C ASP A 87 12.27 -3.04 20.70
N GLY A 88 12.58 -4.30 20.41
CA GLY A 88 13.35 -4.64 19.22
C GLY A 88 13.06 -6.05 18.71
N VAL A 89 13.02 -6.20 17.39
CA VAL A 89 12.90 -7.51 16.75
C VAL A 89 14.15 -7.83 15.96
N LEU A 90 14.76 -8.99 16.26
CA LEU A 90 15.88 -9.52 15.48
C LEU A 90 15.36 -10.62 14.57
N VAL A 91 15.54 -10.46 13.27
CA VAL A 91 15.02 -11.40 12.29
C VAL A 91 16.20 -12.23 11.81
N ILE A 92 16.11 -13.53 12.01
CA ILE A 92 17.15 -14.46 11.62
C ILE A 92 16.73 -15.26 10.39
N ASP A 93 17.64 -15.31 9.42
CA ASP A 93 17.48 -16.07 8.20
C ASP A 93 18.38 -17.32 8.31
N PHE A 94 17.76 -18.49 8.47
CA PHE A 94 18.52 -19.75 8.62
C PHE A 94 19.33 -20.15 7.38
N THR A 95 19.06 -19.55 6.21
CA THR A 95 19.99 -19.72 5.06
C THR A 95 21.29 -18.91 5.22
N ARG A 96 21.32 -17.99 6.18
CA ARG A 96 22.48 -17.12 6.38
C ARG A 96 23.27 -17.46 7.64
N GLU A 97 22.60 -17.81 8.74
CA GLU A 97 23.32 -18.05 9.99
C GLU A 97 22.53 -18.91 10.96
N LEU A 98 23.23 -19.45 11.95
CA LEU A 98 22.65 -20.19 13.06
C LEU A 98 21.93 -21.52 12.70
N SER A 99 22.05 -21.98 11.46
CA SER A 99 21.39 -23.25 11.09
C SER A 99 22.20 -24.46 11.58
N GLY A 100 23.51 -24.43 11.35
CA GLY A 100 24.39 -25.56 11.66
C GLY A 100 25.21 -25.42 12.93
N THR A 101 24.72 -24.64 13.88
CA THR A 101 25.43 -24.36 15.12
C THR A 101 24.96 -25.30 16.23
N SER A 102 25.87 -25.76 17.07
CA SER A 102 25.51 -26.55 18.24
C SER A 102 24.67 -25.69 19.21
N PRO A 103 23.82 -26.35 20.02
CA PRO A 103 23.03 -25.62 21.03
C PRO A 103 23.89 -24.70 21.89
N GLU A 104 25.06 -25.20 22.29
CA GLU A 104 25.98 -24.43 23.14
C GLU A 104 26.41 -23.16 22.42
N LYS A 105 26.87 -23.29 21.17
CA LYS A 105 27.32 -22.11 20.39
C LYS A 105 26.15 -21.20 19.94
N TYR A 106 24.96 -21.76 19.77
CA TYR A 106 23.74 -20.98 19.47
C TYR A 106 23.51 -19.96 20.60
N VAL A 107 23.46 -20.46 21.84
CA VAL A 107 23.27 -19.61 23.02
C VAL A 107 24.41 -18.61 23.18
N GLU A 108 25.66 -19.09 23.07
CA GLU A 108 26.82 -18.22 23.20
C GLU A 108 26.77 -17.06 22.20
N PHE A 109 26.50 -17.37 20.95
CA PHE A 109 26.56 -16.38 19.88
C PHE A 109 25.36 -15.45 19.85
N LEU A 110 24.16 -16.02 19.91
CA LEU A 110 22.91 -15.25 19.82
C LEU A 110 22.55 -14.56 21.13
N LEU A 111 22.42 -15.31 22.21
CA LEU A 111 21.89 -14.74 23.45
C LEU A 111 22.92 -13.87 24.19
N GLU A 112 24.16 -14.33 24.22
CA GLU A 112 25.22 -13.62 24.95
C GLU A 112 25.94 -12.60 24.08
N ASP A 113 26.71 -13.05 23.09
CA ASP A 113 27.53 -12.14 22.28
C ASP A 113 26.71 -11.06 21.54
N THR A 114 25.56 -11.43 20.99
CA THR A 114 24.76 -10.51 20.17
C THR A 114 23.79 -9.69 21.02
N LEU A 115 23.01 -10.35 21.85
CA LEU A 115 21.92 -9.67 22.53
C LEU A 115 22.22 -9.27 23.99
N HIS A 116 23.32 -9.76 24.55
CA HIS A 116 23.70 -9.47 25.95
C HIS A 116 22.54 -9.73 26.91
N ALA A 117 21.89 -10.88 26.74
CA ALA A 117 20.66 -11.19 27.46
C ALA A 117 20.93 -11.61 28.90
N SER A 118 20.08 -11.14 29.80
CA SER A 118 20.08 -11.60 31.19
C SER A 118 18.91 -12.54 31.47
N HIS A 119 17.96 -12.64 30.53
CA HIS A 119 16.78 -13.48 30.68
C HIS A 119 16.26 -13.92 29.31
N VAL A 120 15.84 -15.18 29.20
CA VAL A 120 15.27 -15.70 27.96
C VAL A 120 13.96 -16.38 28.31
N VAL A 121 12.93 -16.13 27.48
CA VAL A 121 11.61 -16.70 27.65
C VAL A 121 11.28 -17.50 26.39
N VAL A 122 10.98 -18.80 26.55
CA VAL A 122 10.60 -19.63 25.41
C VAL A 122 9.41 -20.53 25.75
N GLY A 123 8.72 -20.97 24.70
CA GLY A 123 7.63 -21.93 24.85
C GLY A 123 8.17 -23.32 25.15
N ALA A 124 7.34 -24.15 25.77
CA ALA A 124 7.68 -25.55 26.04
C ALA A 124 8.13 -26.30 24.77
N ASN A 125 7.67 -25.87 23.60
CA ASN A 125 8.01 -26.58 22.36
C ASN A 125 9.26 -26.07 21.63
N PHE A 126 10.03 -25.19 22.29
CA PHE A 126 11.16 -24.52 21.66
C PHE A 126 12.24 -25.53 21.30
N THR A 127 12.77 -25.45 20.09
CA THR A 127 14.00 -26.17 19.74
C THR A 127 14.99 -25.28 19.01
N PHE A 128 16.25 -25.67 19.06
CA PHE A 128 17.31 -24.86 18.46
C PHE A 128 18.56 -25.68 18.22
N GLY A 129 19.40 -25.18 17.32
CA GLY A 129 20.68 -25.81 17.01
C GLY A 129 20.57 -26.84 15.90
N GLU A 130 21.72 -27.38 15.51
CA GLU A 130 21.80 -28.32 14.40
C GLU A 130 20.89 -29.51 14.64
N ASN A 131 20.17 -29.90 13.59
CA ASN A 131 19.21 -30.99 13.65
C ASN A 131 18.28 -30.92 14.88
N ALA A 132 17.92 -29.70 15.27
CA ALA A 132 16.97 -29.43 16.36
C ALA A 132 17.29 -30.15 17.68
N ALA A 133 18.57 -30.31 17.98
CA ALA A 133 19.01 -31.08 19.15
C ALA A 133 18.72 -30.37 20.47
N GLY A 134 18.75 -29.05 20.46
CA GLY A 134 18.44 -28.27 21.66
C GLY A 134 16.95 -28.18 21.92
N THR A 135 16.57 -28.37 23.18
CA THR A 135 15.19 -28.27 23.62
C THR A 135 15.08 -27.21 24.69
N ALA A 136 13.84 -26.94 25.12
CA ALA A 136 13.60 -26.07 26.26
C ALA A 136 14.38 -26.55 27.50
N ASP A 137 14.44 -27.87 27.70
CA ASP A 137 15.22 -28.45 28.82
C ASP A 137 16.73 -28.17 28.66
N SER A 138 17.26 -28.38 27.45
CA SER A 138 18.66 -28.07 27.14
C SER A 138 19.04 -26.63 27.45
N LEU A 139 18.16 -25.72 27.03
CA LEU A 139 18.40 -24.29 27.23
C LEU A 139 18.54 -24.00 28.72
N ARG A 140 17.70 -24.61 29.54
CA ARG A 140 17.78 -24.43 30.99
C ARG A 140 19.14 -24.86 31.55
N GLN A 141 19.65 -26.01 31.09
CA GLN A 141 20.94 -26.53 31.57
C GLN A 141 22.15 -25.78 31.00
N ILE A 142 22.08 -25.41 29.72
CA ILE A 142 23.15 -24.64 29.08
C ILE A 142 23.29 -23.27 29.73
N CYS A 143 22.16 -22.65 30.07
CA CYS A 143 22.14 -21.30 30.67
C CYS A 143 22.18 -21.31 32.21
N GLN A 144 22.79 -22.33 32.81
CA GLN A 144 22.98 -22.34 34.28
C GLN A 144 23.92 -21.22 34.69
N SER A 145 23.53 -20.47 35.72
CA SER A 145 24.23 -19.26 36.17
C SER A 145 24.10 -18.12 35.18
N ARG A 146 24.59 -18.35 33.96
CA ARG A 146 24.81 -17.31 32.96
C ARG A 146 23.61 -16.39 32.69
N LEU A 147 22.42 -16.98 32.58
CA LEU A 147 21.19 -16.19 32.47
C LEU A 147 19.97 -17.02 32.85
N THR A 148 18.92 -16.35 33.33
CA THR A 148 17.74 -17.05 33.83
C THR A 148 16.84 -17.42 32.65
N VAL A 149 16.16 -18.57 32.78
CA VAL A 149 15.31 -19.12 31.71
C VAL A 149 13.91 -19.35 32.23
N ASP A 150 12.91 -18.84 31.51
CA ASP A 150 11.51 -19.07 31.86
C ASP A 150 10.86 -19.81 30.71
N VAL A 151 10.55 -21.09 30.93
CA VAL A 151 9.88 -21.91 29.93
C VAL A 151 8.38 -21.91 30.24
N ILE A 152 7.59 -21.43 29.28
CA ILE A 152 6.15 -21.28 29.49
C ILE A 152 5.36 -22.37 28.77
N ASP A 153 4.47 -23.04 29.51
CA ASP A 153 3.60 -24.07 28.95
C ASP A 153 2.86 -23.56 27.73
N LEU A 154 2.63 -24.45 26.79
CA LEU A 154 1.78 -24.16 25.65
C LEU A 154 0.36 -23.91 26.19
N LEU A 155 -0.39 -23.01 25.56
CA LEU A 155 -1.71 -22.61 26.05
C LEU A 155 -2.83 -23.58 25.60
N ASP A 156 -3.50 -24.21 26.58
CA ASP A 156 -4.69 -25.01 26.33
C ASP A 156 -5.87 -24.30 26.95
N ASP A 157 -6.92 -24.10 26.16
CA ASP A 157 -8.08 -23.35 26.62
C ASP A 157 -9.29 -23.94 25.93
N GLU A 158 -10.37 -24.14 26.69
CA GLU A 158 -11.60 -24.72 26.16
C GLU A 158 -11.30 -26.00 25.37
N GLY A 159 -10.36 -26.79 25.87
CA GLY A 159 -10.02 -28.07 25.24
C GLY A 159 -9.27 -28.02 23.92
N VAL A 160 -8.79 -26.83 23.54
CA VAL A 160 -7.99 -26.69 22.30
C VAL A 160 -6.58 -26.18 22.64
N ARG A 161 -5.59 -26.75 21.97
CA ARG A 161 -4.22 -26.24 22.03
C ARG A 161 -4.09 -25.03 21.13
N ILE A 162 -3.68 -23.90 21.70
CA ILE A 162 -3.54 -22.71 20.88
C ILE A 162 -2.14 -22.73 20.28
N SER A 163 -2.08 -22.93 18.98
CA SER A 163 -0.81 -22.88 18.25
C SER A 163 -1.06 -22.31 16.87
N SER A 164 0.00 -21.95 16.17
CA SER A 164 -0.13 -21.50 14.78
C SER A 164 -0.85 -22.57 13.95
N THR A 165 -0.53 -23.84 14.20
CA THR A 165 -1.16 -24.96 13.48
C THR A 165 -2.68 -24.97 13.67
N THR A 166 -3.16 -24.84 14.90
CA THR A 166 -4.61 -24.89 15.13
C THR A 166 -5.32 -23.66 14.51
N VAL A 167 -4.69 -22.49 14.56
CA VAL A 167 -5.25 -21.30 13.92
C VAL A 167 -5.37 -21.50 12.41
N ARG A 168 -4.33 -22.03 11.77
CA ARG A 168 -4.39 -22.36 10.35
C ARG A 168 -5.50 -23.35 10.03
N GLU A 169 -5.71 -24.35 10.89
CA GLU A 169 -6.80 -25.32 10.65
C GLU A 169 -8.16 -24.65 10.70
N PHE A 170 -8.38 -23.78 11.70
CA PHE A 170 -9.64 -23.06 11.79
C PHE A 170 -9.88 -22.21 10.52
N LEU A 171 -8.87 -21.45 10.10
CA LEU A 171 -9.01 -20.65 8.88
C LEU A 171 -9.39 -21.50 7.66
N SER A 172 -8.71 -22.62 7.50
CA SER A 172 -8.94 -23.53 6.37
C SER A 172 -10.37 -24.11 6.36
N GLU A 173 -10.96 -24.24 7.54
CA GLU A 173 -12.33 -24.75 7.68
C GLU A 173 -13.37 -23.64 7.52
N GLY A 174 -12.92 -22.39 7.43
CA GLY A 174 -13.85 -21.26 7.44
C GLY A 174 -14.34 -20.87 8.83
N ASP A 175 -13.75 -21.44 9.87
CA ASP A 175 -14.14 -21.10 11.24
C ASP A 175 -13.32 -19.92 11.76
N VAL A 176 -13.63 -18.75 11.22
CA VAL A 176 -12.94 -17.55 11.63
C VAL A 176 -13.24 -17.20 13.08
N ALA A 177 -14.43 -17.54 13.59
CA ALA A 177 -14.73 -17.22 14.99
C ALA A 177 -13.76 -17.94 15.93
N ARG A 178 -13.49 -19.22 15.69
CA ARG A 178 -12.54 -19.97 16.51
C ARG A 178 -11.12 -19.48 16.30
N ALA A 179 -10.75 -19.17 15.05
CA ALA A 179 -9.45 -18.56 14.78
C ALA A 179 -9.30 -17.30 15.60
N ASN A 180 -10.31 -16.44 15.57
CA ASN A 180 -10.29 -15.17 16.32
C ASN A 180 -10.14 -15.40 17.82
N TRP A 181 -10.91 -16.35 18.33
CA TRP A 181 -10.82 -16.77 19.73
C TRP A 181 -9.39 -17.18 20.13
N ALA A 182 -8.70 -17.92 19.26
CA ALA A 182 -7.32 -18.33 19.55
C ALA A 182 -6.30 -17.17 19.41
N LEU A 183 -6.56 -16.28 18.45
CA LEU A 183 -5.67 -15.14 18.21
C LEU A 183 -5.79 -14.04 19.27
N GLY A 184 -6.97 -13.89 19.84
CA GLY A 184 -7.23 -12.81 20.77
C GLY A 184 -7.59 -11.52 20.07
N ARG A 185 -7.97 -11.62 18.80
CA ARG A 185 -8.37 -10.46 18.00
C ARG A 185 -9.07 -10.98 16.76
N HIS A 186 -9.63 -10.08 15.96
CA HIS A 186 -10.17 -10.48 14.66
C HIS A 186 -9.00 -10.77 13.73
N PHE A 187 -8.99 -11.95 13.10
CA PHE A 187 -8.13 -12.20 11.96
C PHE A 187 -8.33 -11.14 10.89
N TYR A 188 -7.24 -10.63 10.34
CA TYR A 188 -7.31 -9.57 9.33
C TYR A 188 -6.21 -9.68 8.26
N VAL A 189 -6.46 -9.07 7.11
CA VAL A 189 -5.46 -8.83 6.10
C VAL A 189 -5.54 -7.37 5.72
N THR A 190 -4.42 -6.84 5.19
CA THR A 190 -4.33 -5.46 4.73
C THR A 190 -3.69 -5.46 3.35
N GLY A 191 -4.14 -4.57 2.48
CA GLY A 191 -3.57 -4.46 1.16
C GLY A 191 -4.20 -3.35 0.35
N PRO A 192 -3.62 -3.07 -0.82
CA PRO A 192 -4.17 -2.05 -1.70
C PRO A 192 -5.44 -2.54 -2.38
N VAL A 193 -6.34 -1.62 -2.67
CA VAL A 193 -7.56 -1.94 -3.40
C VAL A 193 -7.36 -1.67 -4.90
N VAL A 194 -7.71 -2.64 -5.72
CA VAL A 194 -7.52 -2.53 -7.17
C VAL A 194 -8.86 -2.32 -7.90
N ARG A 195 -8.78 -2.08 -9.20
CA ARG A 195 -9.96 -2.05 -10.08
CA ARG A 195 -9.98 -2.03 -10.05
C ARG A 195 -10.56 -3.44 -10.20
N GLY A 196 -11.88 -3.56 -10.01
CA GLY A 196 -12.56 -4.84 -10.17
C GLY A 196 -13.80 -4.75 -11.04
N ALA A 197 -14.82 -5.53 -10.69
CA ALA A 197 -16.11 -5.52 -11.39
C ALA A 197 -16.78 -4.15 -11.23
N GLY A 198 -17.10 -3.51 -12.35
CA GLY A 198 -17.76 -2.22 -12.34
C GLY A 198 -17.03 -1.19 -11.49
N ARG A 199 -17.78 -0.22 -10.98
CA ARG A 199 -17.25 0.80 -10.08
C ARG A 199 -18.12 0.82 -8.82
N GLY A 200 -17.46 0.89 -7.67
CA GLY A 200 -18.16 0.98 -6.38
C GLY A 200 -19.03 2.22 -6.30
N GLY A 201 -20.20 2.09 -5.68
CA GLY A 201 -21.16 3.19 -5.53
C GLY A 201 -22.58 2.70 -5.29
N LYS A 202 -23.51 3.22 -6.09
CA LYS A 202 -24.96 2.93 -5.98
C LYS A 202 -25.37 1.46 -6.21
N GLU A 203 -24.64 0.75 -7.06
CA GLU A 203 -24.95 -0.66 -7.33
C GLU A 203 -24.57 -1.55 -6.13
N LEU A 204 -25.58 -2.22 -5.56
CA LEU A 204 -25.37 -3.20 -4.47
C LEU A 204 -24.48 -4.36 -4.92
N GLY A 205 -24.56 -4.72 -6.20
CA GLY A 205 -23.80 -5.84 -6.77
C GLY A 205 -22.33 -5.61 -7.11
N PHE A 206 -21.88 -4.36 -7.09
CA PHE A 206 -20.47 -4.09 -7.30
C PHE A 206 -19.78 -3.95 -5.95
N PRO A 207 -18.67 -4.68 -5.74
CA PRO A 207 -18.00 -4.52 -4.48
C PRO A 207 -17.51 -3.09 -4.29
N THR A 208 -17.46 -2.70 -3.03
CA THR A 208 -16.89 -1.44 -2.61
C THR A 208 -15.37 -1.45 -2.78
N ALA A 209 -14.77 -2.64 -2.62
CA ALA A 209 -13.33 -2.85 -2.70
C ALA A 209 -12.98 -4.25 -3.24
N ASN A 210 -12.08 -4.30 -4.22
CA ASN A 210 -11.56 -5.55 -4.72
C ASN A 210 -10.11 -5.67 -4.32
N GLN A 211 -9.73 -6.82 -3.77
CA GLN A 211 -8.34 -7.09 -3.42
C GLN A 211 -7.92 -8.49 -3.86
N TYR A 212 -6.61 -8.67 -4.04
CA TYR A 212 -5.98 -9.94 -4.37
C TYR A 212 -4.81 -10.21 -3.42
N PHE A 213 -4.63 -11.47 -3.05
CA PHE A 213 -3.55 -11.90 -2.15
C PHE A 213 -2.84 -13.11 -2.73
N HIS A 214 -1.52 -13.18 -2.52
CA HIS A 214 -0.72 -14.28 -3.05
C HIS A 214 -1.03 -15.55 -2.29
N ASP A 215 -0.67 -16.67 -2.90
CA ASP A 215 -1.03 -17.99 -2.38
C ASP A 215 -0.26 -18.42 -1.13
N THR A 216 0.70 -17.61 -0.66
CA THR A 216 1.36 -17.86 0.63
C THR A 216 0.59 -17.25 1.83
N VAL A 217 -0.48 -16.51 1.55
CA VAL A 217 -1.27 -15.82 2.60
C VAL A 217 -2.38 -16.73 3.10
N ALA A 218 -2.44 -16.97 4.40
CA ALA A 218 -3.52 -17.78 4.98
C ALA A 218 -4.79 -16.95 4.87
N LEU A 219 -5.84 -17.50 4.27
CA LEU A 219 -7.12 -16.81 4.25
C LEU A 219 -8.18 -17.84 4.62
N PRO A 220 -9.34 -17.40 5.13
CA PRO A 220 -10.43 -18.32 5.35
C PRO A 220 -10.82 -19.03 4.04
N ALA A 221 -11.44 -20.20 4.18
CA ALA A 221 -12.03 -20.95 3.07
C ALA A 221 -12.88 -20.03 2.19
N ASP A 222 -12.89 -20.29 0.88
CA ASP A 222 -13.77 -19.59 -0.03
C ASP A 222 -15.19 -19.53 0.56
N GLY A 223 -15.83 -18.37 0.43
CA GLY A 223 -17.18 -18.17 0.99
C GLY A 223 -17.42 -16.72 1.35
N VAL A 224 -18.52 -16.48 2.06
CA VAL A 224 -18.89 -15.14 2.47
C VAL A 224 -18.82 -15.01 3.98
N TYR A 225 -18.24 -13.90 4.43
CA TYR A 225 -18.01 -13.63 5.86
C TYR A 225 -18.56 -12.27 6.26
N ALA A 226 -19.05 -12.16 7.49
CA ALA A 226 -19.27 -10.87 8.13
C ALA A 226 -17.94 -10.32 8.64
N GLY A 227 -17.72 -9.03 8.44
CA GLY A 227 -16.55 -8.36 8.95
C GLY A 227 -16.56 -6.85 8.89
N TRP A 228 -15.37 -6.28 9.05
CA TRP A 228 -15.18 -4.85 9.16
C TRP A 228 -14.07 -4.44 8.20
N LEU A 229 -14.35 -3.42 7.40
CA LEU A 229 -13.38 -2.86 6.47
C LEU A 229 -13.05 -1.45 6.97
N THR A 230 -11.75 -1.19 7.10
CA THR A 230 -11.23 0.10 7.53
C THR A 230 -10.28 0.63 6.49
N ILE A 231 -10.48 1.88 6.07
CA ILE A 231 -9.52 2.57 5.19
C ILE A 231 -8.42 3.10 6.10
N LEU A 232 -7.18 2.69 5.85
CA LEU A 232 -6.08 3.07 6.73
C LEU A 232 -5.77 4.59 6.57
N PRO A 233 -5.13 5.22 7.60
CA PRO A 233 -4.90 6.66 7.55
C PRO A 233 -4.36 7.13 6.20
N THR A 234 -4.93 8.20 5.66
CA THR A 234 -4.53 8.71 4.35
C THR A 234 -5.06 10.12 4.13
N GLU A 235 -4.34 10.91 3.34
CA GLU A 235 -4.83 12.23 2.90
C GLU A 235 -5.36 12.18 1.44
N ALA A 236 -5.25 11.03 0.79
CA ALA A 236 -5.80 10.87 -0.55
C ALA A 236 -7.32 10.97 -0.48
N PRO A 237 -7.93 11.61 -1.50
CA PRO A 237 -9.37 11.73 -1.55
C PRO A 237 -10.07 10.35 -1.67
N VAL A 238 -11.26 10.24 -1.10
CA VAL A 238 -12.03 9.00 -1.10
C VAL A 238 -13.32 9.18 -1.90
N SER A 239 -13.50 8.34 -2.92
CA SER A 239 -14.73 8.34 -3.70
C SER A 239 -15.88 7.74 -2.90
N GLY A 240 -16.87 8.56 -2.59
CA GLY A 240 -18.10 8.12 -1.91
C GLY A 240 -18.11 8.46 -0.43
N ASN A 241 -19.00 7.83 0.33
CA ASN A 241 -19.33 8.31 1.66
C ASN A 241 -18.69 7.52 2.81
N MET A 242 -17.46 7.04 2.60
CA MET A 242 -16.70 6.40 3.66
C MET A 242 -15.54 7.29 4.10
N GLU A 243 -15.30 7.34 5.40
CA GLU A 243 -14.22 8.12 5.98
C GLU A 243 -13.09 7.18 6.38
N PRO A 244 -11.82 7.64 6.26
CA PRO A 244 -10.72 6.83 6.79
C PRO A 244 -10.81 6.61 8.30
N GLU A 245 -10.23 5.48 8.74
CA GLU A 245 -10.04 5.16 10.15
C GLU A 245 -11.32 4.78 10.90
N VAL A 246 -12.38 4.46 10.15
CA VAL A 246 -13.61 3.96 10.73
C VAL A 246 -13.81 2.52 10.23
N ALA A 247 -14.12 1.60 11.14
CA ALA A 247 -14.47 0.23 10.76
C ALA A 247 -15.93 0.15 10.25
N TYR A 248 -16.08 -0.11 8.94
CA TYR A 248 -17.41 -0.18 8.31
C TYR A 248 -17.86 -1.62 8.19
N ALA A 249 -19.08 -1.88 8.60
CA ALA A 249 -19.70 -3.19 8.41
C ALA A 249 -19.66 -3.63 6.94
N ALA A 250 -19.22 -4.87 6.71
CA ALA A 250 -19.07 -5.39 5.35
C ALA A 250 -19.39 -6.87 5.26
N ALA A 251 -19.95 -7.28 4.12
CA ALA A 251 -20.00 -8.69 3.72
C ALA A 251 -18.83 -8.95 2.81
N ILE A 252 -17.99 -9.92 3.16
CA ILE A 252 -16.74 -10.14 2.48
C ILE A 252 -16.77 -11.49 1.74
N SER A 253 -16.57 -11.50 0.42
CA SER A 253 -16.48 -12.73 -0.36
C SER A 253 -15.04 -13.10 -0.66
N VAL A 254 -14.65 -14.26 -0.17
CA VAL A 254 -13.32 -14.77 -0.39
C VAL A 254 -13.44 -15.80 -1.51
N GLY A 255 -12.61 -15.64 -2.54
CA GLY A 255 -12.64 -16.51 -3.68
C GLY A 255 -11.23 -16.94 -4.09
N THR A 256 -11.19 -17.72 -5.16
CA THR A 256 -9.96 -18.29 -5.68
C THR A 256 -10.02 -18.18 -7.20
N ASN A 257 -8.97 -17.60 -7.79
CA ASN A 257 -8.94 -17.39 -9.23
C ASN A 257 -9.03 -18.74 -9.95
N PRO A 258 -10.05 -18.93 -10.82
CA PRO A 258 -10.11 -20.19 -11.61
C PRO A 258 -8.84 -20.46 -12.44
N ASP A 262 -3.62 -21.24 -10.97
CA ASP A 262 -4.04 -19.99 -10.35
C ASP A 262 -4.66 -20.18 -8.97
N GLU A 263 -3.82 -20.13 -7.93
CA GLU A 263 -4.30 -20.17 -6.55
C GLU A 263 -4.26 -18.79 -5.90
N GLN A 264 -4.16 -17.75 -6.73
CA GLN A 264 -4.30 -16.36 -6.27
C GLN A 264 -5.71 -16.20 -5.70
N ARG A 265 -5.80 -15.64 -4.50
CA ARG A 265 -7.07 -15.51 -3.81
C ARG A 265 -7.59 -14.07 -3.96
N SER A 266 -8.91 -13.94 -4.09
CA SER A 266 -9.57 -12.64 -4.10
C SER A 266 -10.32 -12.37 -2.78
N VAL A 267 -10.34 -11.10 -2.36
CA VAL A 267 -11.14 -10.67 -1.20
C VAL A 267 -11.92 -9.44 -1.64
N ASP A 268 -13.21 -9.62 -1.85
CA ASP A 268 -14.09 -8.59 -2.38
C ASP A 268 -15.11 -8.19 -1.31
N SER A 269 -15.10 -6.92 -0.92
CA SER A 269 -15.89 -6.44 0.21
C SER A 269 -17.08 -5.55 -0.22
N PHE A 270 -18.26 -5.88 0.29
CA PHE A 270 -19.48 -5.15 0.02
C PHE A 270 -19.84 -4.43 1.31
N VAL A 271 -19.63 -3.13 1.33
CA VAL A 271 -19.77 -2.33 2.55
C VAL A 271 -21.25 -2.01 2.75
N LEU A 272 -21.78 -2.34 3.92
CA LEU A 272 -23.22 -2.18 4.16
C LEU A 272 -23.61 -0.71 4.14
N ASP A 273 -24.69 -0.39 3.45
CA ASP A 273 -25.31 0.94 3.51
C ASP A 273 -24.40 2.07 3.06
N ARG A 274 -23.36 1.75 2.28
CA ARG A 274 -22.44 2.78 1.77
C ARG A 274 -22.29 2.70 0.26
N ASP A 275 -21.96 3.85 -0.32
CA ASP A 275 -21.77 3.98 -1.75
C ASP A 275 -20.39 4.56 -1.95
N ALA A 276 -19.41 3.73 -2.26
CA ALA A 276 -18.02 4.16 -2.31
C ALA A 276 -17.21 3.30 -3.25
N ASP A 277 -16.10 3.84 -3.76
CA ASP A 277 -15.13 3.08 -4.57
C ASP A 277 -13.75 3.33 -4.01
N LEU A 278 -13.06 2.27 -3.57
CA LEU A 278 -11.86 2.45 -2.76
C LEU A 278 -10.55 2.24 -3.53
N TYR A 279 -10.62 2.17 -4.85
CA TYR A 279 -9.44 2.08 -5.71
C TYR A 279 -8.29 2.98 -5.22
N GLY A 280 -7.13 2.37 -5.07
CA GLY A 280 -5.89 3.09 -4.74
C GLY A 280 -5.60 3.16 -3.25
N HIS A 281 -6.61 2.87 -2.41
CA HIS A 281 -6.40 2.97 -0.96
C HIS A 281 -5.92 1.65 -0.37
N ASP A 282 -5.21 1.76 0.74
CA ASP A 282 -4.87 0.60 1.56
C ASP A 282 -5.95 0.40 2.60
N VAL A 283 -6.42 -0.84 2.71
CA VAL A 283 -7.57 -1.15 3.54
C VAL A 283 -7.25 -2.37 4.40
N LYS A 284 -7.79 -2.39 5.60
CA LYS A 284 -7.70 -3.53 6.50
C LYS A 284 -9.06 -4.21 6.49
N VAL A 285 -9.07 -5.52 6.29
CA VAL A 285 -10.29 -6.31 6.33
C VAL A 285 -10.20 -7.32 7.47
N GLU A 286 -11.05 -7.13 8.47
CA GLU A 286 -11.13 -8.06 9.60
C GLU A 286 -12.36 -8.96 9.49
N PHE A 287 -12.15 -10.25 9.73
CA PHE A 287 -13.19 -11.26 9.64
C PHE A 287 -13.78 -11.55 11.02
N VAL A 288 -15.11 -11.68 11.09
CA VAL A 288 -15.83 -11.93 12.34
C VAL A 288 -16.51 -13.29 12.36
N ASP A 289 -17.28 -13.60 11.32
CA ASP A 289 -17.93 -14.90 11.27
C ASP A 289 -18.29 -15.32 9.85
N HIS A 290 -18.46 -16.62 9.69
CA HIS A 290 -18.84 -17.23 8.45
C HIS A 290 -20.32 -16.99 8.19
N VAL A 291 -20.67 -16.64 6.96
CA VAL A 291 -22.06 -16.44 6.58
C VAL A 291 -22.54 -17.57 5.68
N ARG A 292 -21.82 -17.84 4.59
CA ARG A 292 -22.20 -18.96 3.71
C ARG A 292 -21.06 -19.43 2.79
N ALA A 293 -21.23 -20.64 2.26
CA ALA A 293 -20.36 -21.18 1.22
C ALA A 293 -20.58 -20.44 -0.10
N MET A 294 -19.61 -20.50 -0.99
CA MET A 294 -19.74 -19.87 -2.30
C MET A 294 -20.81 -20.64 -3.08
N GLU A 295 -21.44 -19.95 -4.02
CA GLU A 295 -22.39 -20.61 -4.91
C GLU A 295 -22.38 -19.91 -6.27
N LYS A 296 -22.88 -20.61 -7.27
CA LYS A 296 -22.98 -20.05 -8.62
C LYS A 296 -24.35 -19.44 -8.81
N PHE A 297 -24.43 -18.37 -9.58
CA PHE A 297 -25.68 -17.66 -9.79
C PHE A 297 -26.09 -17.77 -11.25
N ASP A 298 -27.38 -18.04 -11.48
CA ASP A 298 -27.93 -18.20 -12.83
C ASP A 298 -28.68 -16.98 -13.35
N SER A 299 -28.86 -15.97 -12.50
CA SER A 299 -29.57 -14.76 -12.88
C SER A 299 -29.16 -13.60 -11.95
N VAL A 300 -29.26 -12.38 -12.46
CA VAL A 300 -28.96 -11.18 -11.67
C VAL A 300 -29.95 -11.08 -10.50
N GLU A 301 -31.21 -11.43 -10.75
CA GLU A 301 -32.25 -11.43 -9.72
C GLU A 301 -31.83 -12.32 -8.54
N GLN A 302 -31.37 -13.53 -8.85
CA GLN A 302 -30.97 -14.50 -7.84
C GLN A 302 -29.72 -14.02 -7.08
N LEU A 303 -28.75 -13.50 -7.83
CA LEU A 303 -27.53 -12.93 -7.25
C LEU A 303 -27.88 -11.84 -6.22
N LEU A 304 -28.70 -10.89 -6.63
CA LEU A 304 -29.03 -9.77 -5.75
C LEU A 304 -29.82 -10.23 -4.54
N GLU A 305 -30.68 -11.23 -4.73
CA GLU A 305 -31.44 -11.82 -3.62
C GLU A 305 -30.51 -12.40 -2.56
N VAL A 306 -29.51 -13.16 -2.99
CA VAL A 306 -28.58 -13.79 -2.06
C VAL A 306 -27.72 -12.74 -1.39
N MET A 307 -27.29 -11.73 -2.14
CA MET A 307 -26.53 -10.61 -1.59
C MET A 307 -27.31 -9.87 -0.49
N ALA A 308 -28.63 -9.74 -0.66
CA ALA A 308 -29.45 -9.04 0.33
C ALA A 308 -29.56 -9.87 1.61
N LYS A 309 -29.64 -11.19 1.45
CA LYS A 309 -29.62 -12.10 2.59
C LYS A 309 -28.26 -12.10 3.31
N ASP A 310 -27.17 -12.01 2.53
CA ASP A 310 -25.83 -11.86 3.11
C ASP A 310 -25.76 -10.61 3.99
N VAL A 311 -26.27 -9.48 3.48
CA VAL A 311 -26.35 -8.24 4.25
C VAL A 311 -27.16 -8.43 5.55
N GLN A 312 -28.34 -9.06 5.45
CA GLN A 312 -29.18 -9.29 6.63
C GLN A 312 -28.45 -10.05 7.75
N LYS A 313 -27.85 -11.18 7.40
CA LYS A 313 -27.10 -12.00 8.36
C LYS A 313 -25.85 -11.29 8.85
N THR A 314 -25.15 -10.59 7.96
CA THR A 314 -23.96 -9.83 8.37
C THR A 314 -24.32 -8.80 9.43
N ARG A 315 -25.42 -8.07 9.23
CA ARG A 315 -25.83 -7.04 10.17
C ARG A 315 -26.06 -7.62 11.58
N THR A 316 -26.72 -8.77 11.65
CA THR A 316 -26.97 -9.50 12.90
C THR A 316 -25.68 -9.96 13.58
N LEU A 317 -24.79 -10.58 12.81
CA LEU A 317 -23.52 -11.06 13.36
C LEU A 317 -22.66 -9.93 13.91
N LEU A 318 -22.66 -8.79 13.21
CA LEU A 318 -21.83 -7.66 13.59
C LEU A 318 -22.44 -6.91 14.77
N ALA A 319 -23.76 -6.81 14.84
CA ALA A 319 -24.42 -6.22 16.02
C ALA A 319 -24.05 -6.98 17.29
N GLN A 320 -23.89 -8.30 17.17
CA GLN A 320 -23.44 -9.14 18.28
C GLN A 320 -21.95 -8.94 18.59
N ASP A 321 -21.12 -8.89 17.54
CA ASP A 321 -19.68 -8.64 17.68
C ASP A 321 -19.35 -7.36 18.46
N VAL A 322 -20.11 -6.29 18.21
CA VAL A 322 -19.95 -5.03 18.93
C VAL A 322 -20.08 -5.20 20.45
N GLN A 323 -20.93 -6.13 20.88
CA GLN A 323 -21.11 -6.43 22.32
C GLN A 323 -19.97 -7.29 22.88
N ALA A 324 -19.46 -8.23 22.06
CA ALA A 324 -18.40 -9.18 22.47
C ALA A 324 -17.11 -8.44 22.81
N HIS A 325 -16.80 -7.43 21.99
N HIS A 325 -16.75 -7.50 21.95
CA HIS A 325 -16.30 -6.10 22.45
CA HIS A 325 -15.51 -6.76 22.09
C HIS A 325 -14.84 -5.87 22.85
C HIS A 325 -15.79 -5.35 22.59
N LYS A 326 -14.16 -6.88 23.38
N LYS A 326 -17.03 -5.14 23.04
CA LYS A 326 -12.71 -6.77 23.56
CA LYS A 326 -17.38 -3.87 23.65
C LYS A 326 -12.05 -6.77 22.19
C LYS A 326 -16.70 -2.77 22.85
N MET A 327 -12.73 -7.35 21.20
N MET A 327 -17.06 -2.68 21.57
CA MET A 327 -12.19 -7.42 19.84
CA MET A 327 -16.46 -1.69 20.69
C MET A 327 -12.81 -6.35 18.95
C MET A 327 -17.17 -0.39 20.93
N ALA A 328 -14.07 -6.02 19.19
N ALA A 328 -16.39 0.69 20.99
CA ALA A 328 -14.78 -5.04 18.37
CA ALA A 328 -16.92 2.03 21.17
C ALA A 328 -13.89 -3.83 18.08
C ALA A 328 -17.51 2.52 19.86
N PRO A 329 -14.15 -3.13 16.96
N PRO A 329 -18.74 3.03 19.90
CA PRO A 329 -13.37 -1.95 16.65
CA PRO A 329 -19.42 3.51 18.69
C PRO A 329 -13.80 -0.78 17.50
C PRO A 329 -18.52 4.33 17.75
N GLU A 330 -12.85 0.07 17.85
N GLU A 330 -17.76 5.28 18.26
CA GLU A 330 -13.12 1.23 18.69
CA GLU A 330 -17.00 6.16 17.35
C GLU A 330 -14.00 2.25 17.99
C GLU A 330 -15.98 5.42 16.48
N THR A 331 -13.74 2.48 16.71
N THR A 331 -15.66 4.18 16.82
CA THR A 331 -14.57 3.41 15.94
CA THR A 331 -14.65 3.42 16.05
C THR A 331 -15.21 2.67 14.78
C THR A 331 -15.22 2.65 14.85
N TYR A 332 -16.54 2.54 14.78
CA TYR A 332 -17.22 1.74 13.76
C TYR A 332 -18.52 2.36 13.24
N PHE A 333 -18.95 1.87 12.08
CA PHE A 333 -20.21 2.24 11.46
C PHE A 333 -20.99 0.97 11.15
N LEU A 334 -22.19 0.88 11.72
CA LEU A 334 -23.13 -0.20 11.48
C LEU A 334 -24.54 0.35 11.65
N GLN A 335 -25.33 0.37 10.58
CA GLN A 335 -26.72 0.82 10.69
C GLN A 335 -27.59 -0.31 11.26
N ALA A 336 -28.61 0.08 12.00
CA ALA A 336 -29.61 -0.85 12.56
C ALA A 336 -30.39 -1.57 11.46
N GLU A 337 -30.65 -0.86 10.35
CA GLU A 337 -31.31 -1.45 9.18
C GLU A 337 -30.88 -0.76 7.91
N SER A 338 -31.25 -1.32 6.77
CA SER A 338 -30.97 -0.72 5.47
C SER A 338 -31.68 0.63 5.29
N MET B 1 -12.24 16.81 -1.53
CA MET B 1 -12.61 16.67 -2.97
C MET B 1 -13.45 15.42 -3.17
N ASP B 2 -14.56 15.56 -3.89
CA ASP B 2 -15.43 14.44 -4.24
C ASP B 2 -14.94 13.77 -5.52
N ILE B 3 -15.23 12.48 -5.66
CA ILE B 3 -14.92 11.74 -6.88
C ILE B 3 -16.15 10.95 -7.30
N TRP B 4 -16.64 11.23 -8.51
CA TRP B 4 -17.87 10.65 -9.04
C TRP B 4 -17.56 9.84 -10.29
N TYR B 5 -17.97 8.57 -10.31
CA TYR B 5 -17.77 7.73 -11.47
C TYR B 5 -19.08 7.71 -12.27
N GLY B 6 -19.09 8.47 -13.36
CA GLY B 6 -20.27 8.60 -14.21
C GLY B 6 -21.19 9.73 -13.80
N THR B 7 -21.95 10.22 -14.78
CA THR B 7 -22.84 11.35 -14.57
C THR B 7 -23.90 11.07 -13.51
N ALA B 8 -24.40 9.83 -13.48
CA ALA B 8 -25.43 9.44 -12.52
C ALA B 8 -24.98 9.49 -11.05
N ALA B 9 -23.66 9.45 -10.79
CA ALA B 9 -23.12 9.59 -9.43
C ALA B 9 -23.08 11.02 -8.90
N VAL B 10 -23.23 12.00 -9.78
CA VAL B 10 -23.12 13.40 -9.39
C VAL B 10 -24.37 13.78 -8.59
N PRO B 11 -24.20 14.53 -7.48
CA PRO B 11 -25.39 14.95 -6.72
C PRO B 11 -26.36 15.75 -7.58
N LYS B 12 -27.65 15.42 -7.48
CA LYS B 12 -28.70 16.14 -8.23
C LYS B 12 -28.83 17.60 -7.78
N ASP B 13 -28.52 17.87 -6.51
CA ASP B 13 -28.63 19.22 -5.95
C ASP B 13 -27.39 20.10 -6.17
N LEU B 14 -26.48 19.66 -7.05
CA LEU B 14 -25.35 20.51 -7.47
C LEU B 14 -25.91 21.77 -8.11
N ASP B 15 -25.83 22.89 -7.39
CA ASP B 15 -26.52 24.12 -7.76
C ASP B 15 -25.77 24.90 -8.84
N ASN B 16 -24.43 24.88 -8.80
CA ASN B 16 -23.61 25.68 -9.71
C ASN B 16 -22.14 25.22 -9.74
N SER B 17 -21.48 25.40 -10.89
CA SER B 17 -20.09 24.97 -11.02
C SER B 17 -19.31 25.64 -12.15
N ALA B 18 -18.00 25.74 -11.94
CA ALA B 18 -17.04 26.06 -13.00
C ALA B 18 -16.29 24.76 -13.35
N VAL B 19 -16.30 24.41 -14.64
CA VAL B 19 -15.88 23.10 -15.10
C VAL B 19 -14.67 23.20 -16.04
N THR B 20 -13.71 22.31 -15.84
CA THR B 20 -12.71 22.07 -16.86
C THR B 20 -12.76 20.60 -17.29
N ILE B 21 -12.48 20.35 -18.56
CA ILE B 21 -12.62 19.03 -19.17
C ILE B 21 -11.35 18.64 -19.88
N GLY B 22 -10.92 17.39 -19.72
CA GLY B 22 -9.76 16.86 -20.43
C GLY B 22 -9.25 15.55 -19.86
N VAL B 23 -8.32 14.90 -20.56
CA VAL B 23 -7.68 13.70 -20.02
C VAL B 23 -6.79 14.05 -18.81
N PHE B 24 -6.12 15.20 -18.87
CA PHE B 24 -5.29 15.70 -17.77
C PHE B 24 -4.18 14.75 -17.29
N ASP B 25 -3.64 13.93 -18.20
CA ASP B 25 -2.60 12.99 -17.83
C ASP B 25 -1.25 13.66 -17.53
N GLY B 26 -0.83 13.52 -16.28
CA GLY B 26 0.38 14.13 -15.77
C GLY B 26 0.13 15.42 -15.00
N VAL B 27 -1.04 16.05 -15.21
CA VAL B 27 -1.36 17.38 -14.67
C VAL B 27 -0.15 18.31 -14.78
N HIS B 28 0.30 18.49 -16.02
CA HIS B 28 1.47 19.28 -16.32
C HIS B 28 1.14 20.77 -16.26
N ARG B 29 2.12 21.61 -16.55
CA ARG B 29 1.97 23.07 -16.42
C ARG B 29 0.88 23.67 -17.31
N GLY B 30 0.65 23.08 -18.48
CA GLY B 30 -0.47 23.50 -19.34
C GLY B 30 -1.82 23.18 -18.74
N HIS B 31 -1.91 22.01 -18.12
CA HIS B 31 -3.11 21.59 -17.38
C HIS B 31 -3.36 22.52 -16.19
N GLN B 32 -2.28 22.92 -15.51
CA GLN B 32 -2.41 23.80 -14.35
C GLN B 32 -2.99 25.17 -14.72
N LYS B 33 -2.71 25.66 -15.94
CA LYS B 33 -3.30 26.90 -16.43
C LYS B 33 -4.84 26.79 -16.45
N LEU B 34 -5.35 25.66 -16.95
CA LEU B 34 -6.79 25.40 -17.02
C LEU B 34 -7.42 25.25 -15.63
N ILE B 35 -6.77 24.46 -14.78
CA ILE B 35 -7.24 24.24 -13.42
C ILE B 35 -7.21 25.54 -12.63
N ASN B 36 -6.10 26.28 -12.69
CA ASN B 36 -5.99 27.55 -11.98
C ASN B 36 -7.08 28.53 -12.38
N ALA B 37 -7.36 28.62 -13.68
CA ALA B 37 -8.43 29.49 -14.16
C ALA B 37 -9.80 29.04 -13.68
N THR B 38 -10.01 27.72 -13.61
CA THR B 38 -11.28 27.16 -13.15
C THR B 38 -11.47 27.39 -11.64
N VAL B 39 -10.41 27.23 -10.86
CA VAL B 39 -10.48 27.38 -9.41
C VAL B 39 -10.66 28.86 -9.01
N GLU B 40 -9.90 29.76 -9.63
CA GLU B 40 -9.99 31.19 -9.33
C GLU B 40 -11.42 31.71 -9.50
N LYS B 41 -12.04 31.36 -10.62
CA LYS B 41 -13.44 31.71 -10.89
C LYS B 41 -14.42 31.18 -9.82
N ALA B 42 -14.28 29.91 -9.49
CA ALA B 42 -15.18 29.27 -8.53
C ALA B 42 -15.06 29.89 -7.12
N ARG B 43 -13.83 30.18 -6.70
CA ARG B 43 -13.56 30.71 -5.37
C ARG B 43 -14.03 32.16 -5.30
N GLU B 44 -13.95 32.83 -6.44
CA GLU B 44 -14.50 34.18 -6.63
C GLU B 44 -16.02 34.20 -6.43
N VAL B 45 -16.69 33.19 -7.00
CA VAL B 45 -18.16 33.11 -7.01
C VAL B 45 -18.73 32.13 -5.97
N GLY B 46 -17.86 31.60 -5.10
CA GLY B 46 -18.26 30.60 -4.10
C GLY B 46 -18.96 29.37 -4.67
N ALA B 47 -18.56 28.95 -5.87
CA ALA B 47 -19.09 27.74 -6.51
C ALA B 47 -18.01 26.67 -6.55
N LYS B 48 -18.42 25.46 -6.92
CA LYS B 48 -17.50 24.30 -6.96
C LYS B 48 -16.64 24.29 -8.24
N ALA B 49 -15.36 24.00 -8.09
CA ALA B 49 -14.48 23.84 -9.24
C ALA B 49 -14.50 22.35 -9.60
N ILE B 50 -14.93 22.03 -10.81
CA ILE B 50 -15.10 20.64 -11.24
C ILE B 50 -14.22 20.29 -12.42
N MET B 51 -13.58 19.13 -12.34
CA MET B 51 -12.80 18.59 -13.42
C MET B 51 -13.54 17.38 -13.98
N VAL B 52 -13.81 17.39 -15.27
CA VAL B 52 -14.32 16.22 -15.95
C VAL B 52 -13.13 15.55 -16.64
N THR B 53 -12.85 14.30 -16.27
CA THR B 53 -11.75 13.56 -16.87
C THR B 53 -12.20 12.19 -17.34
N PHE B 54 -11.27 11.39 -17.87
CA PHE B 54 -11.62 10.19 -18.62
C PHE B 54 -10.76 8.99 -18.21
N ASP B 55 -11.45 7.87 -17.94
CA ASP B 55 -10.82 6.59 -17.67
C ASP B 55 -11.80 5.52 -18.13
N PRO B 56 -11.35 4.56 -18.97
CA PRO B 56 -10.01 4.43 -19.52
C PRO B 56 -9.67 5.61 -20.44
N HIS B 57 -8.41 5.70 -20.81
CA HIS B 57 -7.96 6.71 -21.77
C HIS B 57 -8.81 6.59 -23.02
N PRO B 58 -9.32 7.73 -23.55
CA PRO B 58 -10.17 7.65 -24.76
C PRO B 58 -9.54 6.86 -25.92
N VAL B 59 -8.23 6.97 -26.13
CA VAL B 59 -7.58 6.17 -27.17
C VAL B 59 -7.74 4.66 -26.96
N SER B 60 -7.62 4.21 -25.72
CA SER B 60 -7.69 2.77 -25.41
C SER B 60 -9.06 2.16 -25.75
N VAL B 61 -10.10 2.98 -25.76
CA VAL B 61 -11.44 2.53 -26.16
C VAL B 61 -11.50 2.13 -27.63
N PHE B 62 -10.73 2.81 -28.47
CA PHE B 62 -10.63 2.50 -29.88
C PHE B 62 -9.53 1.48 -30.15
N LEU B 63 -8.42 1.64 -29.44
CA LEU B 63 -7.25 0.79 -29.62
C LEU B 63 -6.75 0.23 -28.28
N PRO B 64 -7.47 -0.79 -27.74
CA PRO B 64 -7.09 -1.47 -26.50
C PRO B 64 -5.62 -1.87 -26.47
N ARG B 65 -4.94 -1.63 -25.35
CA ARG B 65 -3.51 -1.91 -25.20
C ARG B 65 -2.60 -1.22 -26.25
N ARG B 66 -3.08 -0.12 -26.86
CA ARG B 66 -2.24 0.72 -27.71
C ARG B 66 -2.36 2.19 -27.29
N ALA B 67 -2.85 2.40 -26.07
CA ALA B 67 -3.05 3.73 -25.53
C ALA B 67 -1.69 4.25 -25.09
N PRO B 68 -1.56 5.56 -24.93
CA PRO B 68 -0.30 6.11 -24.42
C PRO B 68 -0.05 5.67 -23.00
N LEU B 69 1.21 5.66 -22.58
CA LEU B 69 1.57 5.24 -21.21
C LEU B 69 1.05 6.30 -20.25
N GLY B 70 0.60 5.87 -19.07
CA GLY B 70 0.11 6.81 -18.06
C GLY B 70 1.27 7.53 -17.40
N ILE B 71 1.30 8.86 -17.53
CA ILE B 71 2.30 9.69 -16.85
C ILE B 71 2.08 9.60 -15.34
N THR B 72 0.82 9.59 -14.91
CA THR B 72 0.47 9.25 -13.55
C THR B 72 -0.67 8.24 -13.56
N THR B 73 -0.85 7.56 -12.44
CA THR B 73 -2.04 6.77 -12.24
C THR B 73 -3.29 7.65 -12.11
N LEU B 74 -4.46 7.05 -12.28
CA LEU B 74 -5.69 7.78 -12.08
C LEU B 74 -5.74 8.31 -10.63
N ALA B 75 -5.32 7.48 -9.69
CA ALA B 75 -5.27 7.90 -8.28
C ALA B 75 -4.42 9.15 -8.06
N GLU B 76 -3.24 9.19 -8.66
CA GLU B 76 -2.39 10.37 -8.57
C GLU B 76 -2.94 11.58 -9.33
N ARG B 77 -3.70 11.33 -10.39
CA ARG B 77 -4.45 12.40 -11.06
C ARG B 77 -5.46 13.04 -10.09
N PHE B 78 -6.17 12.22 -9.32
CA PHE B 78 -7.09 12.75 -8.29
C PHE B 78 -6.33 13.57 -7.25
N ALA B 79 -5.22 13.02 -6.75
CA ALA B 79 -4.38 13.69 -5.73
C ALA B 79 -3.87 15.04 -6.23
N LEU B 80 -3.42 15.07 -7.47
CA LEU B 80 -2.94 16.33 -8.08
C LEU B 80 -4.07 17.32 -8.29
N ALA B 81 -5.22 16.85 -8.77
CA ALA B 81 -6.33 17.79 -8.96
C ALA B 81 -6.70 18.42 -7.62
N GLU B 82 -6.74 17.60 -6.56
CA GLU B 82 -7.08 18.12 -5.23
C GLU B 82 -6.05 19.15 -4.76
N SER B 83 -4.77 18.90 -5.02
CA SER B 83 -3.67 19.80 -4.67
C SER B 83 -3.75 21.18 -5.34
N PHE B 84 -4.43 21.26 -6.48
CA PHE B 84 -4.61 22.50 -7.19
C PHE B 84 -6.00 23.12 -6.96
N GLY B 85 -6.74 22.56 -6.00
CA GLY B 85 -7.97 23.17 -5.50
C GLY B 85 -9.27 22.72 -6.15
N ILE B 86 -9.24 21.65 -6.97
CA ILE B 86 -10.45 21.11 -7.55
C ILE B 86 -11.35 20.51 -6.45
N ASP B 87 -12.65 20.82 -6.48
CA ASP B 87 -13.62 20.36 -5.45
C ASP B 87 -14.33 19.07 -5.82
N GLY B 88 -14.38 18.75 -7.11
CA GLY B 88 -14.95 17.48 -7.54
C GLY B 88 -14.38 17.04 -8.87
N VAL B 89 -14.09 15.75 -8.98
CA VAL B 89 -13.73 15.11 -10.25
C VAL B 89 -14.86 14.15 -10.70
N LEU B 90 -15.36 14.39 -11.90
CA LEU B 90 -16.29 13.48 -12.57
C LEU B 90 -15.49 12.66 -13.57
N VAL B 91 -15.47 11.34 -13.39
CA VAL B 91 -14.76 10.42 -14.28
C VAL B 91 -15.74 9.78 -15.26
N ILE B 92 -15.48 10.00 -16.55
CA ILE B 92 -16.32 9.47 -17.63
C ILE B 92 -15.62 8.32 -18.33
N ASP B 93 -16.34 7.21 -18.46
CA ASP B 93 -15.94 6.03 -19.21
C ASP B 93 -16.66 6.11 -20.55
N PHE B 94 -15.92 6.34 -21.62
CA PHE B 94 -16.53 6.44 -22.95
C PHE B 94 -17.21 5.15 -23.44
N THR B 95 -16.88 3.99 -22.88
CA THR B 95 -17.63 2.75 -23.19
C THR B 95 -19.02 2.70 -22.49
N ARG B 96 -19.25 3.60 -21.54
CA ARG B 96 -20.54 3.70 -20.82
C ARG B 96 -21.40 4.87 -21.31
N GLU B 97 -20.80 6.02 -21.63
CA GLU B 97 -21.60 7.20 -22.00
C GLU B 97 -20.81 8.29 -22.75
N LEU B 98 -21.56 9.21 -23.36
CA LEU B 98 -21.01 10.40 -24.04
C LEU B 98 -20.15 10.06 -25.27
N SER B 99 -20.41 8.92 -25.90
CA SER B 99 -19.63 8.47 -27.06
C SER B 99 -20.33 8.73 -28.38
N GLY B 100 -21.52 8.15 -28.54
CA GLY B 100 -22.31 8.31 -29.76
C GLY B 100 -23.05 9.64 -29.82
N THR B 101 -23.02 10.40 -28.73
CA THR B 101 -23.73 11.67 -28.63
C THR B 101 -23.14 12.73 -29.57
N SER B 102 -24.01 13.60 -30.08
CA SER B 102 -23.61 14.77 -30.85
C SER B 102 -23.03 15.83 -29.92
N PRO B 103 -22.34 16.84 -30.49
CA PRO B 103 -21.84 17.96 -29.69
C PRO B 103 -22.93 18.68 -28.89
N GLU B 104 -24.11 18.80 -29.48
CA GLU B 104 -25.22 19.53 -28.86
C GLU B 104 -25.70 18.83 -27.60
N LYS B 105 -26.00 17.53 -27.74
CA LYS B 105 -26.48 16.74 -26.60
C LYS B 105 -25.39 16.42 -25.57
N TYR B 106 -24.12 16.41 -25.99
CA TYR B 106 -22.98 16.29 -25.06
C TYR B 106 -23.04 17.47 -24.09
N VAL B 107 -23.01 18.68 -24.64
CA VAL B 107 -23.06 19.91 -23.83
C VAL B 107 -24.32 19.97 -22.96
N GLU B 108 -25.49 19.67 -23.54
CA GLU B 108 -26.74 19.66 -22.77
C GLU B 108 -26.72 18.66 -21.62
N PHE B 109 -26.32 17.43 -21.90
CA PHE B 109 -26.34 16.35 -20.91
C PHE B 109 -25.28 16.54 -19.82
N LEU B 110 -24.04 16.78 -20.23
CA LEU B 110 -22.92 16.93 -19.29
C LEU B 110 -22.93 18.27 -18.55
N LEU B 111 -22.85 19.38 -19.29
CA LEU B 111 -22.64 20.69 -18.67
C LEU B 111 -23.89 21.31 -18.03
N GLU B 112 -25.05 21.14 -18.67
CA GLU B 112 -26.28 21.75 -18.16
C GLU B 112 -26.98 20.85 -17.15
N ASP B 113 -27.43 19.67 -17.58
CA ASP B 113 -28.25 18.81 -16.73
C ASP B 113 -27.46 18.23 -15.56
N THR B 114 -26.23 17.78 -15.83
CA THR B 114 -25.44 17.08 -14.83
C THR B 114 -24.70 18.05 -13.92
N LEU B 115 -23.93 18.97 -14.50
CA LEU B 115 -23.03 19.82 -13.70
C LEU B 115 -23.56 21.24 -13.42
N HIS B 116 -24.63 21.63 -14.11
CA HIS B 116 -25.22 22.95 -13.95
C HIS B 116 -24.14 24.02 -13.97
N ALA B 117 -23.35 24.01 -15.05
CA ALA B 117 -22.18 24.84 -15.16
C ALA B 117 -22.54 26.26 -15.60
N SER B 118 -21.93 27.24 -14.96
CA SER B 118 -22.03 28.64 -15.37
C SER B 118 -20.73 29.11 -16.05
N HIS B 119 -19.70 28.25 -16.02
CA HIS B 119 -18.41 28.59 -16.60
C HIS B 119 -17.68 27.31 -16.96
N VAL B 120 -16.99 27.33 -18.11
CA VAL B 120 -16.26 26.17 -18.59
C VAL B 120 -14.91 26.61 -19.16
N VAL B 121 -13.87 25.87 -18.80
CA VAL B 121 -12.50 26.17 -19.20
C VAL B 121 -11.92 24.95 -19.92
N VAL B 122 -11.48 25.16 -21.16
CA VAL B 122 -10.92 24.07 -21.98
C VAL B 122 -9.69 24.53 -22.76
N GLY B 123 -8.87 23.57 -23.16
CA GLY B 123 -7.69 23.83 -23.98
C GLY B 123 -8.10 24.07 -25.41
N ALA B 124 -7.23 24.74 -26.16
CA ALA B 124 -7.49 25.03 -27.57
C ALA B 124 -7.61 23.75 -28.41
N ASN B 125 -7.00 22.66 -27.95
CA ASN B 125 -7.07 21.37 -28.65
C ASN B 125 -8.27 20.49 -28.27
N PHE B 126 -9.16 21.01 -27.44
CA PHE B 126 -10.29 20.22 -26.95
C PHE B 126 -11.26 19.82 -28.08
N THR B 127 -11.61 18.54 -28.15
CA THR B 127 -12.67 18.05 -29.03
C THR B 127 -13.68 17.17 -28.27
N PHE B 128 -14.86 16.98 -28.85
CA PHE B 128 -15.93 16.19 -28.19
C PHE B 128 -17.01 15.72 -29.16
N GLY B 129 -17.88 14.84 -28.67
CA GLY B 129 -18.99 14.29 -29.47
C GLY B 129 -18.51 13.26 -30.48
N GLU B 130 -19.46 12.56 -31.11
CA GLU B 130 -19.14 11.53 -32.10
C GLU B 130 -18.18 12.09 -33.17
N ASN B 131 -17.19 11.27 -33.53
CA ASN B 131 -16.19 11.61 -34.56
C ASN B 131 -15.41 12.90 -34.28
N ALA B 132 -15.27 13.26 -33.00
CA ALA B 132 -14.54 14.47 -32.60
C ALA B 132 -14.94 15.72 -33.41
N ALA B 133 -16.25 15.83 -33.69
CA ALA B 133 -16.78 16.94 -34.47
C ALA B 133 -16.71 18.26 -33.70
N GLY B 134 -17.06 18.20 -32.42
CA GLY B 134 -17.03 19.37 -31.54
C GLY B 134 -15.63 19.88 -31.29
N THR B 135 -15.48 21.20 -31.25
CA THR B 135 -14.20 21.87 -31.03
C THR B 135 -14.37 23.00 -30.02
N ALA B 136 -13.26 23.60 -29.58
CA ALA B 136 -13.30 24.77 -28.68
C ALA B 136 -14.15 25.88 -29.29
N ASP B 137 -14.09 26.02 -30.62
CA ASP B 137 -14.91 26.94 -31.38
C ASP B 137 -16.40 26.60 -31.25
N SER B 138 -16.73 25.33 -31.47
CA SER B 138 -18.13 24.86 -31.40
C SER B 138 -18.74 25.02 -30.02
N LEU B 139 -17.90 25.07 -28.99
CA LEU B 139 -18.36 25.18 -27.61
C LEU B 139 -18.78 26.61 -27.28
N ARG B 140 -18.00 27.58 -27.75
CA ARG B 140 -18.28 29.01 -27.53
C ARG B 140 -19.69 29.41 -27.95
N GLN B 141 -20.09 29.01 -29.16
CA GLN B 141 -21.38 29.40 -29.71
C GLN B 141 -22.56 28.89 -28.88
N ILE B 142 -22.44 27.67 -28.33
CA ILE B 142 -23.52 27.08 -27.55
C ILE B 142 -23.52 27.60 -26.12
N CYS B 143 -24.52 28.44 -25.80
CA CYS B 143 -24.71 28.99 -24.45
C CYS B 143 -25.56 28.03 -23.61
N LEU B 147 -23.54 30.42 -19.35
CA LEU B 147 -22.38 29.56 -19.59
C LEU B 147 -21.28 30.31 -20.34
N THR B 148 -20.37 30.94 -19.60
CA THR B 148 -19.21 31.61 -20.19
C THR B 148 -18.04 30.64 -20.39
N VAL B 149 -17.40 30.74 -21.55
CA VAL B 149 -16.38 29.79 -21.99
C VAL B 149 -15.03 30.48 -22.12
N ASP B 150 -14.03 29.94 -21.42
CA ASP B 150 -12.67 30.45 -21.50
C ASP B 150 -11.80 29.39 -22.19
N VAL B 151 -11.33 29.69 -23.40
CA VAL B 151 -10.48 28.78 -24.14
C VAL B 151 -9.04 29.24 -24.02
N ILE B 152 -8.18 28.36 -23.49
CA ILE B 152 -6.81 28.72 -23.14
C ILE B 152 -5.83 28.04 -24.09
N ASP B 153 -4.95 28.85 -24.68
CA ASP B 153 -3.96 28.37 -25.64
C ASP B 153 -3.10 27.28 -25.00
N LEU B 154 -2.62 26.38 -25.83
CA LEU B 154 -1.67 25.37 -25.37
C LEU B 154 -0.37 26.07 -24.95
N LEU B 155 0.24 25.55 -23.89
CA LEU B 155 1.41 26.17 -23.27
C LEU B 155 2.69 25.94 -24.07
N ASP B 156 3.32 27.04 -24.48
CA ASP B 156 4.63 27.01 -25.11
C ASP B 156 5.60 27.78 -24.22
N ASP B 157 6.75 27.18 -23.92
CA ASP B 157 7.72 27.81 -23.04
C ASP B 157 9.11 27.35 -23.44
N GLU B 158 10.05 28.29 -23.54
CA GLU B 158 11.43 27.98 -23.96
C GLU B 158 11.46 27.23 -25.31
N GLY B 159 10.48 27.52 -26.17
CA GLY B 159 10.41 26.94 -27.52
C GLY B 159 9.87 25.53 -27.58
N VAL B 160 9.34 25.05 -26.45
CA VAL B 160 8.84 23.69 -26.32
C VAL B 160 7.33 23.72 -26.02
N ARG B 161 6.57 22.93 -26.77
CA ARG B 161 5.16 22.71 -26.49
C ARG B 161 5.02 21.75 -25.29
N ILE B 162 4.35 22.22 -24.24
CA ILE B 162 4.13 21.40 -23.05
C ILE B 162 2.81 20.62 -23.19
N SER B 163 2.93 19.31 -23.40
CA SER B 163 1.77 18.44 -23.57
C SER B 163 2.08 17.08 -22.95
N SER B 164 1.05 16.25 -22.80
CA SER B 164 1.29 14.91 -22.26
C SER B 164 2.24 14.16 -23.19
N THR B 165 2.10 14.39 -24.48
CA THR B 165 3.00 13.77 -25.46
C THR B 165 4.45 14.20 -25.24
N THR B 166 4.72 15.48 -25.05
CA THR B 166 6.12 15.90 -24.96
C THR B 166 6.73 15.43 -23.63
N VAL B 167 5.93 15.38 -22.57
CA VAL B 167 6.39 14.80 -21.29
C VAL B 167 6.76 13.31 -21.42
N ARG B 168 5.90 12.53 -22.08
CA ARG B 168 6.19 11.12 -22.31
C ARG B 168 7.47 10.93 -23.14
N GLU B 169 7.69 11.81 -24.12
CA GLU B 169 8.92 11.79 -24.91
C GLU B 169 10.16 12.02 -24.03
N PHE B 170 10.13 13.06 -23.19
CA PHE B 170 11.28 13.34 -22.32
C PHE B 170 11.59 12.13 -21.42
N LEU B 171 10.55 11.54 -20.83
CA LEU B 171 10.70 10.38 -19.95
C LEU B 171 11.30 9.18 -20.68
N SER B 172 10.75 8.87 -21.85
CA SER B 172 11.22 7.74 -22.63
C SER B 172 12.70 7.90 -23.03
N GLU B 173 13.14 9.14 -23.24
CA GLU B 173 14.54 9.48 -23.55
C GLU B 173 15.48 9.51 -22.34
N GLY B 174 14.92 9.42 -21.14
CA GLY B 174 15.70 9.52 -19.90
C GLY B 174 15.96 10.94 -19.45
N ASP B 175 15.35 11.92 -20.11
CA ASP B 175 15.55 13.32 -19.76
C ASP B 175 14.54 13.74 -18.70
N VAL B 176 14.73 13.27 -17.46
CA VAL B 176 13.77 13.60 -16.39
C VAL B 176 13.79 15.08 -16.01
N ALA B 177 14.93 15.75 -16.17
CA ALA B 177 15.01 17.18 -15.89
C ALA B 177 14.03 17.99 -16.75
N ARG B 178 13.95 17.66 -18.04
CA ARG B 178 13.04 18.37 -18.93
C ARG B 178 11.58 17.99 -18.66
N ALA B 179 11.33 16.71 -18.39
CA ALA B 179 10.04 16.24 -17.92
C ALA B 179 9.58 17.04 -16.70
N ASN B 180 10.47 17.21 -15.73
CA ASN B 180 10.14 17.91 -14.50
C ASN B 180 9.84 19.39 -14.77
N TRP B 181 10.60 19.98 -15.68
CA TRP B 181 10.41 21.37 -16.06
C TRP B 181 9.02 21.56 -16.66
N ALA B 182 8.60 20.63 -17.52
CA ALA B 182 7.26 20.67 -18.13
C ALA B 182 6.13 20.38 -17.15
N LEU B 183 6.40 19.49 -16.19
CA LEU B 183 5.43 19.14 -15.16
C LEU B 183 5.27 20.21 -14.10
N GLY B 184 6.32 20.97 -13.82
CA GLY B 184 6.30 21.93 -12.71
C GLY B 184 6.52 21.25 -11.36
N ARG B 185 7.08 20.06 -11.39
CA ARG B 185 7.45 19.32 -10.17
C ARG B 185 8.36 18.17 -10.58
N HIS B 186 8.91 17.48 -9.57
CA HIS B 186 9.63 16.25 -9.84
C HIS B 186 8.65 15.15 -10.24
N PHE B 187 8.91 14.54 -11.40
CA PHE B 187 8.22 13.33 -11.78
C PHE B 187 8.43 12.31 -10.69
N TYR B 188 7.37 11.59 -10.34
CA TYR B 188 7.42 10.57 -9.29
C TYR B 188 6.50 9.37 -9.55
N VAL B 189 6.82 8.26 -8.89
CA VAL B 189 5.93 7.12 -8.76
C VAL B 189 5.85 6.76 -7.30
N THR B 190 4.78 6.08 -6.92
CA THR B 190 4.55 5.66 -5.54
C THR B 190 4.13 4.20 -5.56
N GLY B 191 4.57 3.44 -4.57
CA GLY B 191 4.13 2.06 -4.45
C GLY B 191 4.72 1.34 -3.26
N PRO B 192 4.24 0.09 -3.01
CA PRO B 192 4.78 -0.71 -1.93
C PRO B 192 6.19 -1.19 -2.25
N VAL B 193 7.00 -1.37 -1.20
CA VAL B 193 8.32 -1.95 -1.34
C VAL B 193 8.22 -3.45 -1.07
N VAL B 194 8.79 -4.23 -1.97
CA VAL B 194 8.79 -5.69 -1.88
C VAL B 194 10.16 -6.17 -1.42
N ARG B 195 10.28 -7.49 -1.26
CA ARG B 195 11.56 -8.13 -0.92
CA ARG B 195 11.57 -8.09 -0.91
C ARG B 195 12.50 -8.13 -2.12
N GLY B 196 13.79 -7.94 -1.87
CA GLY B 196 14.80 -8.04 -2.92
C GLY B 196 15.90 -9.02 -2.50
N ALA B 197 16.83 -8.54 -1.68
CA ALA B 197 18.00 -9.33 -1.27
C ALA B 197 18.38 -9.12 0.20
N GLY B 198 17.38 -9.23 1.08
CA GLY B 198 17.58 -9.15 2.53
C GLY B 198 16.43 -9.72 3.33
N GLY B 201 20.01 -2.78 4.98
CA GLY B 201 21.29 -3.33 5.41
C GLY B 201 22.44 -2.33 5.37
N LYS B 202 23.62 -2.78 5.80
CA LYS B 202 24.83 -1.96 5.81
C LYS B 202 25.52 -1.99 4.44
N GLU B 203 25.29 -3.05 3.68
CA GLU B 203 25.93 -3.25 2.38
C GLU B 203 25.46 -2.20 1.37
N LEU B 204 26.42 -1.55 0.71
CA LEU B 204 26.14 -0.50 -0.28
C LEU B 204 25.34 -1.03 -1.47
N GLY B 205 25.58 -2.29 -1.83
CA GLY B 205 25.01 -2.88 -3.05
C GLY B 205 23.62 -3.51 -2.98
N PHE B 206 23.07 -3.68 -1.78
CA PHE B 206 21.69 -4.11 -1.62
C PHE B 206 20.80 -2.88 -1.54
N PRO B 207 19.76 -2.79 -2.40
CA PRO B 207 18.96 -1.57 -2.37
C PRO B 207 18.20 -1.40 -1.06
N THR B 208 18.03 -0.15 -0.65
CA THR B 208 17.20 0.20 0.49
C THR B 208 15.74 -0.19 0.24
N ALA B 209 15.30 -0.08 -1.02
CA ALA B 209 13.93 -0.38 -1.42
C ALA B 209 13.86 -0.98 -2.83
N ASN B 210 13.11 -2.07 -2.97
CA ASN B 210 12.82 -2.70 -4.27
C ASN B 210 11.36 -2.52 -4.62
N GLN B 211 11.10 -2.02 -5.83
CA GLN B 211 9.73 -1.85 -6.32
C GLN B 211 9.61 -2.39 -7.74
N TYR B 212 8.39 -2.80 -8.12
CA TYR B 212 8.03 -3.17 -9.50
C TYR B 212 6.80 -2.41 -9.96
N PHE B 213 6.73 -2.09 -11.26
CA PHE B 213 5.60 -1.36 -11.85
C PHE B 213 5.07 -2.06 -13.11
N HIS B 214 3.75 -1.99 -13.32
CA HIS B 214 3.12 -2.58 -14.50
C HIS B 214 3.53 -1.83 -15.77
N ASP B 215 3.28 -2.43 -16.93
CA ASP B 215 3.76 -1.93 -18.22
C ASP B 215 3.01 -0.71 -18.79
N THR B 216 1.95 -0.28 -18.11
CA THR B 216 1.23 0.92 -18.54
C THR B 216 1.70 2.18 -17.82
N VAL B 217 2.66 2.03 -16.91
CA VAL B 217 3.21 3.14 -16.15
C VAL B 217 4.39 3.75 -16.90
N ALA B 218 4.28 5.03 -17.21
CA ALA B 218 5.41 5.72 -17.83
C ALA B 218 6.53 5.82 -16.80
N LEU B 219 7.72 5.40 -17.18
CA LEU B 219 8.89 5.54 -16.31
C LEU B 219 10.03 6.06 -17.15
N PRO B 220 11.04 6.67 -16.51
CA PRO B 220 12.18 7.07 -17.29
C PRO B 220 12.83 5.84 -17.97
N ALA B 221 13.64 6.08 -19.01
CA ALA B 221 14.42 5.01 -19.63
C ALA B 221 15.28 4.29 -18.61
N ASP B 222 15.45 2.99 -18.79
CA ASP B 222 16.39 2.20 -18.00
C ASP B 222 17.68 2.96 -17.80
N GLY B 223 18.20 2.95 -16.57
CA GLY B 223 19.40 3.72 -16.20
C GLY B 223 19.43 4.06 -14.71
N VAL B 224 20.38 4.91 -14.32
CA VAL B 224 20.52 5.32 -12.93
C VAL B 224 20.22 6.81 -12.88
N TYR B 225 19.42 7.20 -11.90
CA TYR B 225 19.01 8.58 -11.73
C TYR B 225 19.28 9.05 -10.29
N ALA B 226 19.52 10.34 -10.14
CA ALA B 226 19.51 10.99 -8.83
C ALA B 226 18.07 11.30 -8.45
N GLY B 227 17.69 11.04 -7.21
CA GLY B 227 16.35 11.39 -6.75
C GLY B 227 16.16 11.43 -5.25
N TRP B 228 14.90 11.53 -4.84
CA TRP B 228 14.53 11.53 -3.45
C TRP B 228 13.54 10.38 -3.19
N LEU B 229 13.75 9.67 -2.09
CA LEU B 229 12.79 8.64 -1.66
C LEU B 229 12.19 9.10 -0.36
N THR B 230 10.85 9.04 -0.28
CA THR B 230 10.10 9.38 0.93
C THR B 230 9.21 8.21 1.35
N ILE B 231 9.29 7.86 2.64
CA ILE B 231 8.37 6.90 3.23
C ILE B 231 7.10 7.66 3.55
N LEU B 232 5.97 7.18 3.02
CA LEU B 232 4.71 7.88 3.18
C LEU B 232 4.23 7.73 4.64
N PRO B 233 3.38 8.67 5.11
CA PRO B 233 3.00 8.70 6.52
C PRO B 233 2.55 7.33 7.01
N THR B 234 3.10 6.89 8.14
CA THR B 234 2.76 5.59 8.68
C THR B 234 3.12 5.54 10.15
N GLU B 235 2.41 4.70 10.89
CA GLU B 235 2.78 4.39 12.26
C GLU B 235 3.52 3.05 12.32
N ALA B 236 3.63 2.35 11.18
CA ALA B 236 4.36 1.09 11.15
C ALA B 236 5.85 1.34 11.43
N PRO B 237 6.51 0.40 12.15
CA PRO B 237 7.92 0.59 12.46
C PRO B 237 8.81 0.53 11.21
N VAL B 238 9.93 1.22 11.26
CA VAL B 238 10.86 1.27 10.13
C VAL B 238 12.13 0.60 10.58
N SER B 239 12.63 -0.32 9.77
CA SER B 239 13.91 -0.97 10.02
C SER B 239 15.05 -0.06 9.57
N GLY B 240 15.87 0.38 10.52
CA GLY B 240 17.02 1.21 10.21
C GLY B 240 16.76 2.69 10.46
N ASN B 241 17.68 3.51 9.98
CA ASN B 241 17.75 4.91 10.42
C ASN B 241 17.07 5.89 9.46
N MET B 242 15.83 5.57 9.07
CA MET B 242 14.98 6.46 8.29
C MET B 242 13.66 6.73 8.99
N GLU B 243 13.16 7.95 8.82
CA GLU B 243 11.94 8.42 9.44
C GLU B 243 10.93 8.69 8.35
N PRO B 244 9.63 8.47 8.62
CA PRO B 244 8.63 8.82 7.60
C PRO B 244 8.57 10.31 7.28
N GLU B 245 8.11 10.63 6.08
CA GLU B 245 7.79 12.01 5.69
C GLU B 245 9.03 12.91 5.60
N VAL B 246 10.18 12.31 5.34
CA VAL B 246 11.38 13.06 5.02
C VAL B 246 11.91 12.54 3.68
N ALA B 247 12.27 13.45 2.78
CA ALA B 247 12.84 13.09 1.49
C ALA B 247 14.32 12.77 1.64
N TYR B 248 14.69 11.51 1.45
CA TYR B 248 16.10 11.08 1.52
C TYR B 248 16.74 11.00 0.14
N ALA B 249 17.95 11.55 0.04
CA ALA B 249 18.76 11.48 -1.16
C ALA B 249 18.98 10.03 -1.56
N ALA B 250 18.86 9.74 -2.85
CA ALA B 250 18.92 8.36 -3.33
C ALA B 250 19.39 8.25 -4.78
N ALA B 251 20.19 7.22 -5.05
CA ALA B 251 20.52 6.81 -6.41
C ALA B 251 19.51 5.73 -6.82
N ILE B 252 18.79 5.98 -7.90
CA ILE B 252 17.65 5.15 -8.28
C ILE B 252 17.95 4.43 -9.59
N SER B 253 17.92 3.10 -9.55
CA SER B 253 18.13 2.30 -10.74
C SER B 253 16.82 1.78 -11.33
N VAL B 254 16.54 2.21 -12.57
CA VAL B 254 15.34 1.79 -13.28
C VAL B 254 15.75 0.71 -14.27
N GLY B 255 15.02 -0.39 -14.26
CA GLY B 255 15.37 -1.55 -15.06
C GLY B 255 14.14 -2.25 -15.62
N THR B 256 14.38 -3.22 -16.48
CA THR B 256 13.32 -4.00 -17.12
C THR B 256 13.54 -5.49 -16.85
N ASN B 257 12.45 -6.20 -16.57
CA ASN B 257 12.49 -7.65 -16.41
C ASN B 257 12.63 -8.30 -17.79
N PRO B 258 13.85 -8.78 -18.12
CA PRO B 258 14.11 -9.23 -19.49
C PRO B 258 13.40 -10.55 -19.84
N THR B 259 12.92 -10.66 -21.07
CA THR B 259 12.21 -11.84 -21.57
C THR B 259 11.02 -12.22 -20.68
N GLU B 263 6.30 -5.86 -20.20
CA GLU B 263 7.59 -5.35 -19.75
C GLU B 263 7.51 -4.84 -18.31
N GLN B 264 7.48 -5.75 -17.34
CA GLN B 264 7.48 -5.35 -15.94
C GLN B 264 8.74 -4.54 -15.64
N ARG B 265 8.57 -3.39 -15.02
CA ARG B 265 9.68 -2.48 -14.74
C ARG B 265 10.08 -2.55 -13.28
N SER B 266 11.38 -2.42 -13.01
CA SER B 266 11.89 -2.36 -11.64
C SER B 266 12.40 -0.95 -11.32
N VAL B 267 12.19 -0.53 -10.08
CA VAL B 267 12.73 0.70 -9.55
C VAL B 267 13.33 0.41 -8.19
N ASP B 268 14.66 0.41 -8.15
CA ASP B 268 15.45 0.01 -7.00
C ASP B 268 16.23 1.20 -6.47
N SER B 269 16.00 1.57 -5.22
CA SER B 269 16.53 2.81 -4.66
C SER B 269 17.60 2.54 -3.63
N PHE B 270 18.76 3.18 -3.84
CA PHE B 270 19.88 3.11 -2.93
C PHE B 270 19.97 4.44 -2.21
N VAL B 271 19.52 4.45 -0.96
CA VAL B 271 19.44 5.69 -0.17
C VAL B 271 20.83 6.02 0.35
N LEU B 272 21.25 7.27 0.12
CA LEU B 272 22.60 7.70 0.48
C LEU B 272 22.80 7.76 1.98
N ASP B 273 23.91 7.18 2.45
CA ASP B 273 24.36 7.30 3.84
C ASP B 273 23.36 6.77 4.87
N ARG B 274 22.45 5.90 4.45
CA ARG B 274 21.47 5.34 5.37
C ARG B 274 21.55 3.82 5.29
N ASP B 275 21.25 3.17 6.40
CA ASP B 275 21.25 1.73 6.51
C ASP B 275 19.85 1.34 6.94
N ALA B 276 19.02 0.96 5.97
CA ALA B 276 17.60 0.66 6.22
C ALA B 276 17.05 -0.34 5.24
N ASP B 277 15.93 -0.96 5.61
CA ASP B 277 15.21 -1.88 4.75
C ASP B 277 13.74 -1.52 4.83
N LEU B 278 13.16 -1.14 3.71
CA LEU B 278 11.81 -0.54 3.70
C LEU B 278 10.70 -1.49 3.27
N TYR B 279 10.98 -2.79 3.30
CA TYR B 279 9.97 -3.83 3.00
C TYR B 279 8.63 -3.53 3.69
N GLY B 280 7.56 -3.58 2.92
CA GLY B 280 6.20 -3.47 3.45
C GLY B 280 5.66 -2.06 3.56
N HIS B 281 6.54 -1.07 3.42
CA HIS B 281 6.12 0.32 3.46
C HIS B 281 5.73 0.81 2.08
N ASP B 282 4.92 1.86 2.04
CA ASP B 282 4.67 2.58 0.80
C ASP B 282 5.64 3.75 0.70
N VAL B 283 6.17 3.94 -0.50
CA VAL B 283 7.29 4.84 -0.74
C VAL B 283 7.03 5.68 -1.98
N LYS B 284 7.44 6.95 -1.93
CA LYS B 284 7.36 7.85 -3.08
C LYS B 284 8.78 8.05 -3.59
N VAL B 285 8.98 7.83 -4.89
CA VAL B 285 10.28 8.01 -5.50
C VAL B 285 10.19 9.12 -6.54
N GLU B 286 10.88 10.23 -6.30
CA GLU B 286 10.91 11.34 -7.26
C GLU B 286 12.26 11.44 -7.93
N PHE B 287 12.21 11.68 -9.23
CA PHE B 287 13.39 11.65 -10.07
C PHE B 287 13.85 13.08 -10.33
N VAL B 288 15.14 13.35 -10.18
CA VAL B 288 15.69 14.70 -10.37
C VAL B 288 16.52 14.84 -11.64
N ASP B 289 17.47 13.94 -11.87
CA ASP B 289 18.32 14.01 -13.07
C ASP B 289 18.91 12.64 -13.42
N HIS B 290 19.27 12.49 -14.69
CA HIS B 290 19.91 11.28 -15.21
C HIS B 290 21.39 11.23 -14.78
N VAL B 291 21.83 10.05 -14.30
CA VAL B 291 23.23 9.83 -13.93
C VAL B 291 23.97 9.04 -14.99
N ARG B 292 23.44 7.88 -15.40
CA ARG B 292 24.10 7.05 -16.41
C ARG B 292 23.19 5.98 -17.03
N ALA B 293 23.59 5.48 -18.19
CA ALA B 293 22.85 4.42 -18.85
C ALA B 293 23.16 3.09 -18.15
N MET B 294 22.36 2.07 -18.46
CA MET B 294 22.58 0.76 -17.87
C MET B 294 23.88 0.18 -18.37
N GLU B 295 24.51 -0.62 -17.53
CA GLU B 295 25.65 -1.41 -17.97
C GLU B 295 25.72 -2.72 -17.22
N LYS B 296 26.42 -3.69 -17.81
CA LYS B 296 26.64 -5.01 -17.21
C LYS B 296 27.95 -5.01 -16.41
N PHE B 297 27.98 -5.85 -15.37
CA PHE B 297 29.14 -5.93 -14.50
C PHE B 297 29.71 -7.35 -14.50
N ASP B 298 31.04 -7.44 -14.54
CA ASP B 298 31.75 -8.73 -14.60
C ASP B 298 32.42 -9.11 -13.27
N SER B 299 32.39 -8.19 -12.30
CA SER B 299 32.94 -8.44 -10.97
C SER B 299 32.26 -7.57 -9.92
N VAL B 300 32.37 -7.99 -8.66
CA VAL B 300 31.85 -7.22 -7.54
C VAL B 300 32.62 -5.92 -7.40
N GLU B 301 33.94 -5.99 -7.52
CA GLU B 301 34.79 -4.81 -7.45
C GLU B 301 34.33 -3.71 -8.42
N GLN B 302 34.07 -4.10 -9.66
CA GLN B 302 33.60 -3.16 -10.68
C GLN B 302 32.23 -2.56 -10.30
N LEU B 303 31.31 -3.43 -9.90
CA LEU B 303 29.97 -3.01 -9.50
C LEU B 303 30.02 -1.95 -8.40
N LEU B 304 30.76 -2.26 -7.32
CA LEU B 304 30.85 -1.35 -6.17
C LEU B 304 31.55 -0.02 -6.50
N GLU B 305 32.51 -0.08 -7.42
CA GLU B 305 33.21 1.10 -7.90
C GLU B 305 32.27 2.04 -8.64
N VAL B 306 31.50 1.48 -9.57
CA VAL B 306 30.54 2.30 -10.32
C VAL B 306 29.43 2.82 -9.41
N MET B 307 29.07 2.05 -8.39
CA MET B 307 28.02 2.47 -7.44
C MET B 307 28.47 3.67 -6.59
N ALA B 308 29.75 3.65 -6.17
CA ALA B 308 30.37 4.79 -5.48
C ALA B 308 30.39 6.06 -6.35
N LYS B 309 30.66 5.90 -7.64
CA LYS B 309 30.58 7.00 -8.60
C LYS B 309 29.15 7.51 -8.82
N ASP B 310 28.17 6.60 -8.83
CA ASP B 310 26.75 6.98 -8.87
C ASP B 310 26.38 7.85 -7.67
N VAL B 311 26.87 7.47 -6.48
CA VAL B 311 26.61 8.21 -5.25
C VAL B 311 27.21 9.61 -5.32
N GLN B 312 28.48 9.71 -5.72
CA GLN B 312 29.16 11.00 -5.83
C GLN B 312 28.39 11.95 -6.75
N LYS B 313 28.11 11.49 -7.97
CA LYS B 313 27.32 12.25 -8.95
C LYS B 313 25.92 12.62 -8.43
N THR B 314 25.27 11.70 -7.71
CA THR B 314 23.95 11.97 -7.13
C THR B 314 24.01 13.13 -6.11
N ARG B 315 25.01 13.12 -5.23
CA ARG B 315 25.20 14.19 -4.23
C ARG B 315 25.27 15.57 -4.87
N THR B 316 26.04 15.66 -5.94
CA THR B 316 26.24 16.92 -6.68
C THR B 316 24.94 17.38 -7.29
N LEU B 317 24.29 16.48 -8.02
CA LEU B 317 23.03 16.83 -8.70
C LEU B 317 21.94 17.24 -7.72
N LEU B 318 21.83 16.55 -6.59
CA LEU B 318 20.80 16.86 -5.60
C LEU B 318 21.10 18.16 -4.84
N ALA B 319 22.38 18.44 -4.62
CA ALA B 319 22.81 19.72 -4.05
C ALA B 319 22.31 20.87 -4.90
N GLN B 320 22.47 20.74 -6.22
CA GLN B 320 21.95 21.74 -7.15
C GLN B 320 20.41 21.87 -7.07
N ASP B 321 19.73 20.73 -7.07
CA ASP B 321 18.26 20.69 -6.93
C ASP B 321 17.78 21.37 -5.64
N VAL B 322 18.49 21.18 -4.54
CA VAL B 322 18.13 21.81 -3.27
C VAL B 322 18.23 23.34 -3.35
N GLN B 323 19.29 23.82 -3.98
CA GLN B 323 19.55 25.26 -4.13
C GLN B 323 18.49 25.95 -4.99
N ALA B 324 18.15 25.35 -6.12
CA ALA B 324 17.10 25.88 -7.00
C ALA B 324 15.74 25.43 -6.47
N HIS B 325 15.47 25.76 -5.20
CA HIS B 325 14.51 25.01 -4.37
C HIS B 325 13.04 25.00 -4.81
N LYS B 326 12.75 25.51 -6.02
CA LYS B 326 11.37 25.57 -6.54
C LYS B 326 10.69 24.20 -6.58
N MET B 327 11.44 23.17 -6.98
CA MET B 327 10.90 21.79 -7.04
C MET B 327 11.40 20.88 -5.91
N ALA B 328 12.40 21.33 -5.16
CA ALA B 328 12.97 20.53 -4.06
C ALA B 328 11.98 20.30 -2.92
N PRO B 329 12.16 19.20 -2.17
CA PRO B 329 11.26 18.89 -1.07
C PRO B 329 11.49 19.80 0.13
N GLU B 330 10.46 19.99 0.94
CA GLU B 330 10.52 20.90 2.07
C GLU B 330 11.37 20.35 3.23
N THR B 331 11.18 19.08 3.56
CA THR B 331 12.00 18.42 4.57
C THR B 331 12.77 17.28 3.92
N TYR B 332 14.09 17.39 3.96
CA TYR B 332 14.95 16.44 3.24
C TYR B 332 16.20 16.08 4.06
N PHE B 333 16.82 14.97 3.68
CA PHE B 333 18.09 14.54 4.24
C PHE B 333 19.08 14.34 3.09
N LEU B 334 20.21 15.03 3.17
CA LEU B 334 21.27 14.95 2.18
C LEU B 334 22.60 15.33 2.83
N GLN B 335 23.59 14.44 2.79
CA GLN B 335 24.92 14.72 3.33
C GLN B 335 25.84 15.23 2.23
N ALA B 336 26.75 16.13 2.59
CA ALA B 336 27.73 16.69 1.64
C ALA B 336 28.78 15.65 1.20
N GLU B 337 29.02 14.66 2.06
CA GLU B 337 29.99 13.61 1.77
C GLU B 337 29.63 12.38 2.60
N SER B 338 30.37 11.28 2.38
CA SER B 338 30.17 10.06 3.16
C SER B 338 30.53 10.29 4.63
S SO4 C . 3.63 -22.16 17.97
O1 SO4 C . 3.77 -22.75 19.30
O2 SO4 C . 2.23 -21.77 17.79
O3 SO4 C . 4.48 -20.95 17.83
O4 SO4 C . 3.95 -23.13 16.94
S SO4 D . 5.16 -11.59 3.60
O1 SO4 D . 5.66 -11.82 4.95
O2 SO4 D . 5.08 -10.16 3.29
O3 SO4 D . 6.09 -12.26 2.67
O4 SO4 D . 3.83 -12.15 3.39
S SO4 E . -3.92 3.16 -13.04
O1 SO4 E . -2.48 3.09 -13.32
O2 SO4 E . -4.06 2.89 -11.60
O3 SO4 E . -4.49 4.44 -13.43
O4 SO4 E . -4.59 2.12 -13.83
S SO4 F . -2.73 17.53 -23.44
O1 SO4 F . -1.40 17.57 -22.86
O2 SO4 F . -3.74 17.29 -22.38
O3 SO4 F . -3.00 18.80 -24.10
O4 SO4 F . -2.84 16.45 -24.42
#